data_8Q23
#
_entry.id   8Q23
#
_cell.length_a   79.815
_cell.length_b   179.102
_cell.length_c   58.367
_cell.angle_alpha   90.000
_cell.angle_beta   90.000
_cell.angle_gamma   90.000
#
_symmetry.space_group_name_H-M   'P 21 21 2'
#
loop_
_entity.id
_entity.type
_entity.pdbx_description
1 polymer 'Glycylpeptide N-tetradecanoyltransferase 1'
2 polymer ACE-ORD-SER-PHE-SER-LYS-PRO-ARG
3 non-polymer GLYCEROL
4 non-polymer 'CHLORIDE ION'
5 non-polymer TETRADECANOYL-COA
6 water water
#
loop_
_entity_poly.entity_id
_entity_poly.type
_entity_poly.pdbx_seq_one_letter_code
_entity_poly.pdbx_strand_id
1 'polypeptide(L)'
;GGSEFSVGQGPAKTMEEASKRSYQFWDTQPVPKLGEVVNTHGPVEPDKDNIRQEPYTLPQGFTWDALDLGDRGVLKELYT
LLNENYVEDDDNMFRFDYSPEFLLWALRPPGWLPQWHCGVRVVSSRKLVGFISAIPANIHIYDTEKKMVEINFLCVHKKL
RSKRVAPVLIREITRRVHLEGIFQAVYTAGVVLPKPVGTCRYWHRSLNPRKLIEVKFSHLSRNMTMQRTMKLYRLPETPK
TAGLRPMETKDIPVVHQLLTRYLKQFHLTPVMSQEEVEHWFYPQENIIDTFVVENANGEVTDFLSFYTLPSTIMNHPTHK
SLKAAYSFYNVHTQTPLLDLMSDALVLAKMKGFDVFNALDLMENKTFLEKLKFGIGDGNLQYYLYNWKCPSMGAEKVGLV
LQ
;
A,B
2 'polypeptide(L)' (ACE)(ORD)SFSKPR I,E
#
# COMPACT_ATOMS: atom_id res chain seq x y z
N GLY A 10 -15.35 -33.60 2.90
CA GLY A 10 -15.42 -33.87 4.33
C GLY A 10 -14.38 -33.11 5.14
N PRO A 11 -14.73 -31.89 5.57
CA PRO A 11 -13.77 -31.07 6.33
C PRO A 11 -13.49 -31.66 7.70
N ALA A 12 -12.21 -31.62 8.09
CA ALA A 12 -11.75 -32.11 9.38
C ALA A 12 -11.68 -30.97 10.38
N LYS A 13 -12.04 -31.25 11.64
CA LYS A 13 -12.03 -30.26 12.69
C LYS A 13 -10.95 -30.48 13.75
N THR A 14 -10.37 -31.69 13.82
CA THR A 14 -9.23 -31.97 14.66
C THR A 14 -8.08 -32.43 13.76
N MET A 15 -6.85 -32.28 14.26
CA MET A 15 -5.73 -32.72 13.44
C MET A 15 -5.58 -34.24 13.43
N GLU A 16 -6.21 -34.95 14.35
CA GLU A 16 -6.21 -36.41 14.28
C GLU A 16 -7.03 -36.89 13.09
N GLU A 17 -8.20 -36.28 12.85
CA GLU A 17 -8.96 -36.58 11.63
C GLU A 17 -8.23 -36.07 10.39
N ALA A 18 -7.54 -34.94 10.51
CA ALA A 18 -6.92 -34.34 9.35
C ALA A 18 -5.67 -35.11 8.92
N SER A 19 -4.92 -35.65 9.90
CA SER A 19 -3.69 -36.35 9.58
C SER A 19 -3.94 -37.63 8.79
N LYS A 20 -5.19 -38.10 8.74
CA LYS A 20 -5.50 -39.31 7.99
C LYS A 20 -5.72 -39.03 6.51
N ARG A 21 -6.35 -37.91 6.19
CA ARG A 21 -6.86 -37.67 4.85
C ARG A 21 -5.85 -36.94 3.96
N SER A 22 -6.14 -36.93 2.66
CA SER A 22 -5.34 -36.27 1.66
C SER A 22 -6.01 -34.97 1.20
N TYR A 23 -5.19 -34.03 0.76
CA TYR A 23 -5.65 -32.68 0.42
C TYR A 23 -5.30 -32.43 -1.04
N GLN A 24 -6.20 -32.85 -1.94
CA GLN A 24 -5.95 -32.75 -3.39
C GLN A 24 -5.57 -31.33 -3.80
N PHE A 25 -6.26 -30.33 -3.28
CA PHE A 25 -5.93 -28.95 -3.63
C PHE A 25 -4.75 -28.43 -2.79
N TRP A 26 -4.84 -28.56 -1.47
CA TRP A 26 -3.82 -27.92 -0.65
C TRP A 26 -2.44 -28.54 -0.85
N ASP A 27 -2.36 -29.80 -1.29
CA ASP A 27 -1.07 -30.39 -1.64
C ASP A 27 -0.38 -29.64 -2.77
N THR A 28 -1.12 -28.95 -3.64
CA THR A 28 -0.54 -28.21 -4.76
C THR A 28 -0.09 -26.82 -4.36
N GLN A 29 -0.34 -26.39 -3.14
CA GLN A 29 -0.15 -25.00 -2.72
C GLN A 29 1.14 -24.82 -1.93
N PRO A 30 1.69 -23.58 -1.88
CA PRO A 30 2.95 -23.36 -1.14
C PRO A 30 2.73 -23.21 0.36
N VAL A 31 2.32 -24.30 1.00
CA VAL A 31 2.14 -24.37 2.45
C VAL A 31 2.81 -25.65 2.94
N PRO A 32 3.24 -25.74 4.20
CA PRO A 32 3.88 -26.96 4.68
C PRO A 32 2.88 -28.10 4.82
N LYS A 33 3.40 -29.32 4.74
CA LYS A 33 2.56 -30.50 4.93
C LYS A 33 2.18 -30.66 6.40
N LEU A 34 1.00 -31.24 6.62
CA LEU A 34 0.51 -31.46 7.99
C LEU A 34 1.51 -32.25 8.84
N GLY A 35 2.18 -33.23 8.25
CA GLY A 35 3.18 -33.99 9.01
C GLY A 35 4.39 -33.17 9.42
N GLU A 36 4.71 -32.13 8.65
CA GLU A 36 5.96 -31.40 8.82
C GLU A 36 6.10 -30.79 10.21
N VAL A 37 7.26 -30.98 10.82
CA VAL A 37 7.75 -30.09 11.87
C VAL A 37 8.68 -29.10 11.20
N VAL A 38 8.46 -27.81 11.42
CA VAL A 38 9.14 -26.76 10.69
C VAL A 38 10.14 -26.08 11.62
N ASN A 39 11.38 -25.93 11.17
CA ASN A 39 12.37 -25.20 11.93
C ASN A 39 12.98 -24.02 11.19
N THR A 40 12.63 -23.83 9.93
CA THR A 40 13.12 -22.70 9.15
C THR A 40 12.11 -21.55 9.20
N HIS A 41 12.51 -20.40 8.63
CA HIS A 41 11.67 -19.20 8.57
C HIS A 41 11.78 -18.57 7.19
N GLY A 42 10.72 -18.63 6.38
CA GLY A 42 10.78 -17.93 5.11
C GLY A 42 9.82 -18.42 4.05
N PRO A 43 9.91 -17.83 2.85
CA PRO A 43 8.97 -18.18 1.78
C PRO A 43 9.10 -19.63 1.34
N VAL A 44 7.98 -20.21 0.90
CA VAL A 44 8.03 -21.55 0.32
C VAL A 44 8.48 -21.49 -1.13
N GLU A 45 8.01 -20.51 -1.88
CA GLU A 45 8.36 -20.34 -3.28
C GLU A 45 8.73 -18.89 -3.55
N PRO A 46 9.50 -18.63 -4.61
CA PRO A 46 9.93 -17.25 -4.88
C PRO A 46 8.77 -16.36 -5.30
N ASP A 47 8.95 -15.06 -5.03
CA ASP A 47 8.13 -14.03 -5.65
C ASP A 47 8.11 -14.26 -7.16
N LYS A 48 6.94 -14.10 -7.77
CA LYS A 48 6.79 -14.34 -9.21
C LYS A 48 7.04 -13.06 -9.99
N ASP A 49 7.87 -13.14 -11.03
CA ASP A 49 8.09 -11.94 -11.82
C ASP A 49 7.34 -11.97 -13.16
N ASN A 50 6.50 -12.98 -13.39
CA ASN A 50 5.45 -12.84 -14.38
C ASN A 50 4.21 -13.55 -13.84
N ILE A 51 3.07 -12.89 -13.96
CA ILE A 51 1.82 -13.33 -13.35
C ILE A 51 0.80 -13.58 -14.45
N ARG A 52 0.09 -14.71 -14.37
CA ARG A 52 -1.04 -15.03 -15.23
C ARG A 52 -1.99 -13.85 -15.36
N GLN A 53 -2.21 -13.39 -16.60
CA GLN A 53 -3.06 -12.20 -16.80
C GLN A 53 -4.55 -12.52 -16.88
N GLU A 54 -4.92 -13.74 -17.24
CA GLU A 54 -6.27 -14.24 -17.45
C GLU A 54 -6.82 -14.82 -16.15
N PRO A 55 -8.06 -14.46 -15.82
CA PRO A 55 -8.76 -15.12 -14.70
C PRO A 55 -8.81 -16.63 -14.90
N TYR A 56 -8.79 -17.35 -13.77
CA TYR A 56 -8.97 -18.79 -13.82
C TYR A 56 -10.38 -19.14 -14.31
N THR A 57 -10.49 -20.35 -14.86
CA THR A 57 -11.74 -20.82 -15.45
C THR A 57 -12.71 -21.32 -14.39
N LEU A 58 -13.92 -20.76 -14.39
CA LEU A 58 -15.02 -21.23 -13.57
C LEU A 58 -15.80 -22.31 -14.31
N PRO A 59 -16.55 -23.14 -13.58
CA PRO A 59 -17.50 -24.06 -14.23
C PRO A 59 -18.43 -23.31 -15.18
N GLN A 60 -18.86 -24.00 -16.22
CA GLN A 60 -19.76 -23.43 -17.22
C GLN A 60 -20.97 -22.78 -16.53
N GLY A 61 -21.33 -21.58 -16.97
CA GLY A 61 -22.50 -20.94 -16.40
C GLY A 61 -22.22 -19.98 -15.26
N PHE A 62 -20.95 -19.78 -14.90
CA PHE A 62 -20.58 -18.88 -13.82
C PHE A 62 -19.49 -17.94 -14.32
N THR A 63 -19.46 -16.73 -13.74
CA THR A 63 -18.51 -15.71 -14.19
C THR A 63 -18.02 -14.92 -12.97
N TRP A 64 -16.86 -14.29 -13.11
CA TRP A 64 -16.30 -13.44 -12.06
C TRP A 64 -16.96 -12.07 -12.07
N ASP A 65 -17.02 -11.45 -10.89
CA ASP A 65 -17.47 -10.07 -10.79
C ASP A 65 -16.89 -9.45 -9.53
N ALA A 66 -16.13 -8.38 -9.68
CA ALA A 66 -15.63 -7.62 -8.53
C ALA A 66 -16.76 -6.77 -7.96
N LEU A 67 -16.96 -6.82 -6.65
CA LEU A 67 -18.15 -6.24 -6.05
C LEU A 67 -17.81 -4.86 -5.52
N ASP A 68 -18.45 -3.83 -6.08
CA ASP A 68 -18.32 -2.47 -5.57
C ASP A 68 -19.28 -2.33 -4.40
N LEU A 69 -18.74 -2.41 -3.18
CA LEU A 69 -19.55 -2.37 -1.98
C LEU A 69 -20.09 -0.97 -1.67
N GLY A 70 -19.55 0.07 -2.33
CA GLY A 70 -20.14 1.40 -2.24
C GLY A 70 -21.47 1.48 -2.94
N ASP A 71 -21.78 0.50 -3.78
CA ASP A 71 -23.11 0.33 -4.36
C ASP A 71 -23.95 -0.43 -3.35
N ARG A 72 -24.96 0.24 -2.78
CA ARG A 72 -25.75 -0.37 -1.71
C ARG A 72 -26.45 -1.64 -2.17
N GLY A 73 -26.88 -1.68 -3.43
CA GLY A 73 -27.53 -2.88 -3.93
C GLY A 73 -26.59 -4.07 -3.95
N VAL A 74 -25.35 -3.86 -4.37
CA VAL A 74 -24.35 -4.92 -4.39
C VAL A 74 -23.96 -5.33 -2.98
N LEU A 75 -23.82 -4.37 -2.08
CA LEU A 75 -23.56 -4.71 -0.67
C LEU A 75 -24.68 -5.58 -0.10
N LYS A 76 -25.93 -5.24 -0.41
CA LYS A 76 -27.05 -6.06 0.04
C LYS A 76 -26.96 -7.48 -0.55
N GLU A 77 -26.51 -7.60 -1.80
CA GLU A 77 -26.34 -8.93 -2.38
C GLU A 77 -25.30 -9.73 -1.61
N LEU A 78 -24.18 -9.10 -1.25
CA LEU A 78 -23.17 -9.80 -0.46
C LEU A 78 -23.71 -10.13 0.94
N TYR A 79 -24.36 -9.16 1.58
CA TYR A 79 -25.00 -9.43 2.87
C TYR A 79 -25.91 -10.64 2.79
N THR A 80 -26.69 -10.74 1.71
CA THR A 80 -27.65 -11.83 1.61
C THR A 80 -26.96 -13.17 1.38
N LEU A 81 -25.98 -13.20 0.48
CA LEU A 81 -25.17 -14.41 0.30
C LEU A 81 -24.64 -14.92 1.63
N LEU A 82 -24.01 -14.03 2.41
CA LEU A 82 -23.40 -14.46 3.66
C LEU A 82 -24.46 -14.82 4.70
N ASN A 83 -25.51 -14.00 4.80
CA ASN A 83 -26.59 -14.29 5.76
C ASN A 83 -27.21 -15.67 5.53
N GLU A 84 -27.25 -16.15 4.29
CA GLU A 84 -27.89 -17.42 3.99
C GLU A 84 -26.92 -18.59 3.85
N ASN A 85 -25.62 -18.33 3.62
CA ASN A 85 -24.71 -19.43 3.30
C ASN A 85 -23.37 -19.40 4.03
N TYR A 86 -23.14 -18.48 4.96
CA TYR A 86 -21.81 -18.40 5.57
C TYR A 86 -21.75 -19.36 6.76
N VAL A 87 -20.82 -19.14 7.68
CA VAL A 87 -20.44 -20.14 8.67
C VAL A 87 -21.59 -20.42 9.63
N GLU A 88 -21.81 -21.70 9.93
CA GLU A 88 -22.74 -22.15 10.96
C GLU A 88 -21.97 -22.87 12.07
N ASP A 89 -22.63 -23.03 13.22
CA ASP A 89 -22.06 -23.88 14.25
C ASP A 89 -22.15 -25.34 13.82
N ASP A 90 -21.43 -26.21 14.53
CA ASP A 90 -21.34 -27.59 14.10
C ASP A 90 -22.66 -28.35 14.22
N ASP A 91 -23.68 -27.78 14.87
CA ASP A 91 -25.00 -28.39 14.97
C ASP A 91 -26.04 -27.76 14.05
N ASN A 92 -25.64 -26.78 13.24
CA ASN A 92 -26.55 -26.12 12.30
C ASN A 92 -27.76 -25.51 13.02
N MET A 93 -27.51 -24.86 14.14
CA MET A 93 -28.54 -24.13 14.86
C MET A 93 -28.40 -22.61 14.75
N PHE A 94 -27.20 -22.10 14.45
CA PHE A 94 -26.95 -20.66 14.34
C PHE A 94 -26.04 -20.38 13.16
N ARG A 95 -26.25 -19.23 12.51
CA ARG A 95 -25.41 -18.78 11.40
C ARG A 95 -25.04 -17.32 11.61
N PHE A 96 -23.77 -16.99 11.37
CA PHE A 96 -23.34 -15.60 11.50
C PHE A 96 -24.23 -14.68 10.66
N ASP A 97 -24.48 -13.48 11.17
CA ASP A 97 -25.31 -12.50 10.48
C ASP A 97 -24.58 -11.16 10.44
N TYR A 98 -23.45 -11.15 9.72
CA TYR A 98 -22.68 -9.92 9.53
C TYR A 98 -23.56 -8.85 8.88
N SER A 99 -23.61 -7.67 9.49
CA SER A 99 -24.43 -6.57 8.97
C SER A 99 -23.75 -5.89 7.78
N PRO A 100 -24.50 -5.17 6.95
CA PRO A 100 -23.86 -4.46 5.84
C PRO A 100 -22.85 -3.45 6.30
N GLU A 101 -23.13 -2.76 7.42
CA GLU A 101 -22.19 -1.77 7.94
C GLU A 101 -20.94 -2.45 8.48
N PHE A 102 -21.09 -3.62 9.10
CA PHE A 102 -19.93 -4.40 9.53
C PHE A 102 -19.09 -4.83 8.34
N LEU A 103 -19.73 -5.31 7.27
CA LEU A 103 -18.99 -5.74 6.09
C LEU A 103 -18.16 -4.58 5.51
N LEU A 104 -18.72 -3.36 5.47
CA LEU A 104 -17.93 -2.21 5.02
C LEU A 104 -16.72 -1.97 5.92
N TRP A 105 -16.89 -2.14 7.23
CA TRP A 105 -15.78 -1.97 8.16
C TRP A 105 -14.69 -3.01 7.88
N ALA A 106 -15.09 -4.26 7.70
CA ALA A 106 -14.13 -5.34 7.57
C ALA A 106 -13.48 -5.39 6.19
N LEU A 107 -14.19 -4.90 5.16
CA LEU A 107 -13.76 -5.05 3.78
C LEU A 107 -13.26 -3.76 3.15
N ARG A 108 -13.48 -2.61 3.78
CA ARG A 108 -12.85 -1.39 3.29
C ARG A 108 -11.92 -0.72 4.30
N PRO A 109 -10.95 -1.44 4.86
CA PRO A 109 -9.94 -0.77 5.68
C PRO A 109 -8.99 0.01 4.81
N PRO A 110 -8.07 0.77 5.39
CA PRO A 110 -7.07 1.48 4.58
C PRO A 110 -6.34 0.54 3.63
N GLY A 111 -6.25 0.94 2.36
CA GLY A 111 -5.58 0.14 1.36
C GLY A 111 -6.46 -0.81 0.61
N TRP A 112 -7.76 -0.87 0.92
CA TRP A 112 -8.61 -1.85 0.24
C TRP A 112 -8.62 -1.62 -1.26
N LEU A 113 -8.84 -2.71 -2.01
CA LEU A 113 -8.89 -2.67 -3.46
C LEU A 113 -10.16 -3.33 -3.96
N PRO A 114 -10.83 -2.73 -4.95
CA PRO A 114 -12.08 -3.31 -5.45
C PRO A 114 -11.91 -4.69 -6.10
N GLN A 115 -10.79 -4.93 -6.80
CA GLN A 115 -10.58 -6.23 -7.44
C GLN A 115 -10.39 -7.35 -6.40
N TRP A 116 -10.10 -7.00 -5.15
CA TRP A 116 -9.97 -7.98 -4.10
C TRP A 116 -11.29 -8.26 -3.37
N HIS A 117 -12.43 -7.77 -3.88
CA HIS A 117 -13.75 -8.20 -3.42
C HIS A 117 -14.31 -9.10 -4.52
N CYS A 118 -13.96 -10.36 -4.46
CA CYS A 118 -13.99 -11.22 -5.64
C CYS A 118 -15.24 -12.08 -5.59
N GLY A 119 -16.24 -11.74 -6.40
CA GLY A 119 -17.49 -12.48 -6.42
C GLY A 119 -17.59 -13.45 -7.60
N VAL A 120 -18.49 -14.43 -7.46
CA VAL A 120 -18.88 -15.35 -8.52
C VAL A 120 -20.37 -15.19 -8.73
N ARG A 121 -20.79 -15.01 -9.99
CA ARG A 121 -22.19 -14.84 -10.35
C ARG A 121 -22.61 -15.86 -11.40
N VAL A 122 -23.88 -16.27 -11.33
CA VAL A 122 -24.49 -17.04 -12.41
C VAL A 122 -24.55 -16.16 -13.66
N VAL A 123 -24.16 -16.72 -14.81
CA VAL A 123 -24.05 -15.89 -16.02
C VAL A 123 -25.42 -15.38 -16.44
N SER A 124 -26.43 -16.24 -16.43
CA SER A 124 -27.72 -15.87 -17.02
C SER A 124 -28.51 -14.96 -16.10
N SER A 125 -28.51 -15.23 -14.79
CA SER A 125 -29.32 -14.49 -13.84
C SER A 125 -28.55 -13.41 -13.10
N ARG A 126 -27.21 -13.43 -13.15
CA ARG A 126 -26.33 -12.56 -12.40
C ARG A 126 -26.44 -12.75 -10.88
N LYS A 127 -27.10 -13.82 -10.42
CA LYS A 127 -27.20 -14.07 -8.99
C LYS A 127 -25.82 -14.30 -8.38
N LEU A 128 -25.58 -13.70 -7.22
CA LEU A 128 -24.30 -13.86 -6.52
C LEU A 128 -24.30 -15.20 -5.77
N VAL A 129 -23.34 -16.07 -6.09
CA VAL A 129 -23.28 -17.41 -5.52
C VAL A 129 -21.94 -17.75 -4.91
N GLY A 130 -20.95 -16.86 -4.97
CA GLY A 130 -19.65 -17.12 -4.36
C GLY A 130 -18.95 -15.82 -4.06
N PHE A 131 -18.01 -15.88 -3.11
CA PHE A 131 -17.26 -14.69 -2.74
C PHE A 131 -15.99 -15.12 -2.02
N ILE A 132 -14.97 -14.27 -2.14
CA ILE A 132 -13.78 -14.34 -1.29
C ILE A 132 -13.16 -12.95 -1.32
N SER A 133 -12.49 -12.57 -0.24
CA SER A 133 -11.93 -11.23 -0.19
C SER A 133 -10.51 -11.23 0.32
N ALA A 134 -9.75 -10.22 -0.09
CA ALA A 134 -8.44 -9.92 0.46
C ALA A 134 -8.39 -8.46 0.90
N ILE A 135 -7.74 -8.19 2.03
CA ILE A 135 -7.43 -6.82 2.45
C ILE A 135 -5.96 -6.75 2.80
N PRO A 136 -5.28 -5.63 2.57
CA PRO A 136 -3.84 -5.58 2.86
C PRO A 136 -3.58 -5.49 4.35
N ALA A 137 -2.48 -6.10 4.76
CA ALA A 137 -2.09 -5.98 6.16
C ALA A 137 -0.59 -6.20 6.27
N ASN A 138 0.05 -5.38 7.10
N ASN A 138 0.06 -5.38 7.10
CA ASN A 138 1.43 -5.62 7.49
CA ASN A 138 1.44 -5.62 7.48
C ASN A 138 1.45 -6.57 8.68
C ASN A 138 1.46 -6.56 8.67
N ILE A 139 2.20 -7.66 8.56
CA ILE A 139 2.17 -8.74 9.55
C ILE A 139 3.57 -8.97 10.09
N HIS A 140 3.66 -9.10 11.41
CA HIS A 140 4.91 -9.44 12.07
C HIS A 140 4.85 -10.91 12.44
N ILE A 141 5.76 -11.71 11.89
CA ILE A 141 5.78 -13.13 12.19
C ILE A 141 7.20 -13.46 12.64
N TYR A 142 7.33 -13.87 13.90
CA TYR A 142 8.62 -14.02 14.57
C TYR A 142 9.53 -12.82 14.30
N ASP A 143 10.64 -12.99 13.59
CA ASP A 143 11.58 -11.89 13.41
C ASP A 143 11.40 -11.16 12.08
N THR A 144 10.30 -11.37 11.37
CA THR A 144 10.09 -10.76 10.07
C THR A 144 8.79 -9.95 10.04
N GLU A 145 8.85 -8.78 9.40
CA GLU A 145 7.67 -8.01 9.06
C GLU A 145 7.47 -8.07 7.54
N LYS A 146 6.28 -8.49 7.12
CA LYS A 146 5.96 -8.70 5.71
C LYS A 146 4.64 -8.00 5.40
N LYS A 147 4.57 -7.32 4.25
CA LYS A 147 3.28 -6.91 3.71
C LYS A 147 2.56 -8.15 3.18
N MET A 148 1.35 -8.40 3.69
CA MET A 148 0.55 -9.57 3.35
C MET A 148 -0.85 -9.10 3.00
N VAL A 149 -1.72 -10.06 2.71
CA VAL A 149 -3.16 -9.82 2.72
C VAL A 149 -3.78 -10.73 3.77
N GLU A 150 -4.94 -10.32 4.26
CA GLU A 150 -5.79 -11.18 5.06
C GLU A 150 -6.94 -11.63 4.20
N ILE A 151 -7.18 -12.94 4.15
CA ILE A 151 -8.22 -13.53 3.33
C ILE A 151 -9.40 -13.85 4.23
N ASN A 152 -10.60 -13.46 3.83
CA ASN A 152 -11.76 -13.67 4.67
C ASN A 152 -13.00 -13.79 3.78
N PHE A 153 -14.07 -14.29 4.39
CA PHE A 153 -15.41 -14.32 3.79
C PHE A 153 -15.47 -15.23 2.56
N LEU A 154 -14.68 -16.29 2.57
CA LEU A 154 -14.83 -17.33 1.56
C LEU A 154 -16.20 -17.99 1.75
N CYS A 155 -17.01 -17.99 0.70
CA CYS A 155 -18.38 -18.46 0.83
C CYS A 155 -18.88 -18.93 -0.53
N VAL A 156 -19.41 -20.14 -0.58
CA VAL A 156 -20.04 -20.70 -1.78
C VAL A 156 -21.48 -21.04 -1.42
N HIS A 157 -22.42 -20.63 -2.28
CA HIS A 157 -23.84 -20.91 -2.08
C HIS A 157 -24.07 -22.39 -1.78
N LYS A 158 -24.95 -22.68 -0.82
CA LYS A 158 -25.24 -24.06 -0.43
C LYS A 158 -25.57 -24.95 -1.64
N LYS A 159 -26.26 -24.40 -2.63
CA LYS A 159 -26.59 -25.20 -3.81
C LYS A 159 -25.40 -25.47 -4.71
N LEU A 160 -24.27 -24.83 -4.47
CA LEU A 160 -23.09 -24.96 -5.33
C LEU A 160 -21.94 -25.68 -4.62
N ARG A 161 -22.18 -26.24 -3.43
CA ARG A 161 -21.13 -26.85 -2.63
C ARG A 161 -20.66 -28.16 -3.24
N SER A 162 -19.41 -28.51 -2.92
CA SER A 162 -18.81 -29.79 -3.32
C SER A 162 -18.64 -29.91 -4.84
N LYS A 163 -18.53 -28.76 -5.52
CA LYS A 163 -18.23 -28.72 -6.96
C LYS A 163 -16.85 -28.13 -7.23
N ARG A 164 -15.98 -28.11 -6.21
CA ARG A 164 -14.61 -27.59 -6.33
C ARG A 164 -14.59 -26.12 -6.78
N VAL A 165 -15.60 -25.34 -6.39
CA VAL A 165 -15.56 -23.90 -6.66
C VAL A 165 -14.63 -23.19 -5.68
N ALA A 166 -14.52 -23.66 -4.44
CA ALA A 166 -13.64 -22.99 -3.50
C ALA A 166 -12.17 -22.98 -3.94
N PRO A 167 -11.61 -24.05 -4.50
CA PRO A 167 -10.22 -23.91 -4.98
C PRO A 167 -10.08 -22.85 -6.08
N VAL A 168 -11.07 -22.70 -6.95
CA VAL A 168 -10.98 -21.68 -7.99
C VAL A 168 -11.01 -20.28 -7.36
N LEU A 169 -11.92 -20.06 -6.40
CA LEU A 169 -11.92 -18.80 -5.67
C LEU A 169 -10.56 -18.52 -5.06
N ILE A 170 -9.93 -19.54 -4.48
CA ILE A 170 -8.65 -19.33 -3.80
C ILE A 170 -7.55 -19.02 -4.80
N ARG A 171 -7.49 -19.76 -5.92
N ARG A 171 -7.48 -19.77 -5.92
CA ARG A 171 -6.47 -19.47 -6.91
CA ARG A 171 -6.48 -19.46 -6.93
C ARG A 171 -6.69 -18.11 -7.57
C ARG A 171 -6.68 -18.07 -7.51
N GLU A 172 -7.93 -17.67 -7.70
CA GLU A 172 -8.18 -16.38 -8.35
C GLU A 172 -7.84 -15.20 -7.43
N ILE A 173 -8.18 -15.28 -6.15
CA ILE A 173 -7.74 -14.19 -5.26
C ILE A 173 -6.22 -14.21 -5.13
N THR A 174 -5.60 -15.41 -5.16
CA THR A 174 -4.14 -15.49 -5.14
C THR A 174 -3.55 -14.75 -6.33
N ARG A 175 -4.08 -15.01 -7.52
CA ARG A 175 -3.61 -14.33 -8.73
C ARG A 175 -3.76 -12.82 -8.62
N ARG A 176 -4.92 -12.37 -8.15
CA ARG A 176 -5.19 -10.93 -8.06
C ARG A 176 -4.29 -10.26 -7.02
N VAL A 177 -3.92 -10.97 -5.96
CA VAL A 177 -3.01 -10.42 -4.97
C VAL A 177 -1.59 -10.39 -5.53
N HIS A 178 -1.19 -11.45 -6.26
CA HIS A 178 0.14 -11.47 -6.88
C HIS A 178 0.33 -10.29 -7.82
N LEU A 179 -0.71 -9.92 -8.57
CA LEU A 179 -0.59 -8.81 -9.53
C LEU A 179 -0.21 -7.52 -8.82
N GLU A 180 -0.57 -7.41 -7.54
CA GLU A 180 -0.24 -6.22 -6.76
C GLU A 180 1.09 -6.34 -6.03
N GLY A 181 1.84 -7.40 -6.28
CA GLY A 181 3.17 -7.54 -5.72
C GLY A 181 3.24 -8.14 -4.33
N ILE A 182 2.22 -8.87 -3.90
CA ILE A 182 2.14 -9.44 -2.56
C ILE A 182 2.13 -10.96 -2.69
N PHE A 183 2.96 -11.65 -1.90
CA PHE A 183 3.12 -13.10 -2.08
C PHE A 183 2.93 -13.92 -0.81
N GLN A 184 2.41 -13.32 0.26
CA GLN A 184 2.09 -14.00 1.49
C GLN A 184 0.69 -13.59 1.94
N ALA A 185 0.03 -14.48 2.67
CA ALA A 185 -1.26 -14.16 3.26
C ALA A 185 -1.41 -14.82 4.63
N VAL A 186 -2.32 -14.27 5.42
CA VAL A 186 -2.74 -14.84 6.69
C VAL A 186 -4.25 -15.01 6.65
N TYR A 187 -4.75 -16.06 7.32
CA TYR A 187 -6.18 -16.35 7.35
C TYR A 187 -6.47 -17.26 8.52
N THR A 188 -7.72 -17.28 8.94
CA THR A 188 -8.17 -18.21 9.96
C THR A 188 -9.32 -19.03 9.41
N ALA A 189 -9.56 -20.19 10.03
CA ALA A 189 -10.64 -21.07 9.63
C ALA A 189 -10.95 -22.02 10.76
N GLY A 190 -12.20 -22.48 10.80
CA GLY A 190 -12.59 -23.51 11.77
C GLY A 190 -12.17 -24.91 11.40
N VAL A 191 -11.71 -25.11 10.17
CA VAL A 191 -11.30 -26.42 9.70
C VAL A 191 -9.78 -26.52 9.72
N VAL A 192 -9.28 -27.75 9.79
CA VAL A 192 -7.86 -28.05 9.76
C VAL A 192 -7.44 -28.26 8.32
N LEU A 193 -6.44 -27.51 7.88
CA LEU A 193 -5.83 -27.58 6.56
C LEU A 193 -4.33 -27.62 6.79
N PRO A 194 -3.55 -28.01 5.78
CA PRO A 194 -2.10 -27.76 5.82
C PRO A 194 -1.83 -26.26 5.79
N LYS A 195 -1.21 -25.70 6.84
CA LYS A 195 -0.87 -26.32 8.12
C LYS A 195 -0.97 -25.19 9.14
N PRO A 196 -1.71 -25.40 10.24
CA PRO A 196 -1.91 -24.30 11.19
C PRO A 196 -0.58 -23.82 11.76
N VAL A 197 -0.41 -22.50 11.79
CA VAL A 197 0.71 -21.94 12.53
C VAL A 197 0.37 -21.82 14.01
N GLY A 198 -0.92 -21.86 14.35
CA GLY A 198 -1.38 -21.87 15.72
C GLY A 198 -2.83 -22.27 15.80
N THR A 199 -3.22 -22.91 16.92
CA THR A 199 -4.59 -23.33 17.12
C THR A 199 -5.13 -22.67 18.38
N CYS A 200 -6.21 -21.91 18.24
CA CYS A 200 -6.87 -21.26 19.36
C CYS A 200 -8.25 -21.86 19.54
N ARG A 201 -8.81 -21.67 20.73
CA ARG A 201 -10.10 -22.20 21.11
C ARG A 201 -10.99 -21.05 21.57
N TYR A 202 -12.25 -21.02 21.10
CA TYR A 202 -13.20 -20.02 21.59
C TYR A 202 -13.74 -20.41 22.96
N TRP A 203 -13.89 -19.41 23.81
CA TRP A 203 -14.56 -19.48 25.11
C TRP A 203 -15.70 -18.49 25.12
N HIS A 204 -16.68 -18.75 26.00
CA HIS A 204 -17.95 -18.02 26.01
C HIS A 204 -18.32 -17.63 27.43
N ARG A 205 -18.69 -16.36 27.61
CA ARG A 205 -19.11 -15.84 28.92
C ARG A 205 -20.58 -15.43 28.82
N SER A 206 -21.47 -16.18 29.47
CA SER A 206 -22.89 -15.86 29.42
C SER A 206 -23.15 -14.49 30.05
N LEU A 207 -23.94 -13.69 29.35
CA LEU A 207 -24.44 -12.42 29.86
C LEU A 207 -25.94 -12.43 30.09
N ASN A 208 -26.69 -13.04 29.18
CA ASN A 208 -28.13 -13.22 29.30
C ASN A 208 -28.38 -14.72 29.31
N PRO A 209 -28.09 -15.39 30.44
CA PRO A 209 -28.20 -16.87 30.47
C PRO A 209 -29.59 -17.38 30.14
N ARG A 210 -30.65 -16.70 30.60
CA ARG A 210 -32.01 -17.13 30.31
C ARG A 210 -32.22 -17.29 28.80
N LYS A 211 -31.80 -16.28 28.03
CA LYS A 211 -32.01 -16.33 26.59
C LYS A 211 -31.12 -17.39 25.94
N LEU A 212 -29.88 -17.52 26.40
CA LEU A 212 -28.97 -18.52 25.81
C LEU A 212 -29.51 -19.93 25.99
N ILE A 213 -30.08 -20.22 27.16
CA ILE A 213 -30.70 -21.52 27.40
C ILE A 213 -31.94 -21.67 26.52
N GLU A 214 -32.74 -20.60 26.40
CA GLU A 214 -33.98 -20.68 25.64
C GLU A 214 -33.72 -21.07 24.18
N VAL A 215 -32.67 -20.50 23.58
CA VAL A 215 -32.33 -20.79 22.19
C VAL A 215 -31.35 -21.95 22.06
N LYS A 216 -31.02 -22.62 23.18
CA LYS A 216 -30.16 -23.79 23.22
C LYS A 216 -28.75 -23.49 22.70
N PHE A 217 -28.33 -22.23 22.82
CA PHE A 217 -26.91 -21.92 22.69
C PHE A 217 -26.11 -22.55 23.83
N SER A 218 -26.65 -22.52 25.04
CA SER A 218 -26.08 -23.25 26.16
C SER A 218 -27.17 -24.09 26.82
N HIS A 219 -26.80 -24.83 27.84
CA HIS A 219 -27.73 -25.71 28.53
C HIS A 219 -27.54 -25.61 30.03
N LEU A 220 -28.64 -25.76 30.76
CA LEU A 220 -28.60 -25.81 32.22
C LEU A 220 -27.74 -26.98 32.67
N SER A 221 -26.55 -26.71 33.18
CA SER A 221 -25.51 -27.73 33.32
C SER A 221 -25.51 -28.36 34.71
N ARG A 222 -25.22 -29.67 34.75
CA ARG A 222 -24.94 -30.41 35.99
C ARG A 222 -25.97 -30.13 37.08
N ASN A 223 -27.24 -30.04 36.67
CA ASN A 223 -28.36 -29.60 37.49
C ASN A 223 -28.03 -28.51 38.48
N MET A 224 -27.94 -27.28 37.98
CA MET A 224 -28.25 -26.08 38.71
C MET A 224 -29.61 -25.59 38.21
N THR A 225 -30.34 -24.87 39.05
CA THR A 225 -31.59 -24.31 38.56
C THR A 225 -31.31 -23.15 37.60
N MET A 226 -32.37 -22.69 36.94
CA MET A 226 -32.27 -21.44 36.20
C MET A 226 -32.02 -20.28 37.15
N GLN A 227 -32.72 -20.25 38.30
CA GLN A 227 -32.46 -19.26 39.33
C GLN A 227 -30.98 -19.20 39.69
N ARG A 228 -30.38 -20.37 39.97
CA ARG A 228 -28.98 -20.42 40.37
C ARG A 228 -28.04 -19.98 39.25
N THR A 229 -28.44 -20.22 38.01
CA THR A 229 -27.61 -19.82 36.87
C THR A 229 -27.61 -18.31 36.69
N MET A 230 -28.76 -17.67 36.84
CA MET A 230 -28.83 -16.22 36.67
C MET A 230 -28.03 -15.49 37.74
N LYS A 231 -28.03 -16.01 38.97
CA LYS A 231 -27.22 -15.40 40.03
C LYS A 231 -25.73 -15.65 39.79
N LEU A 232 -25.39 -16.81 39.26
CA LEU A 232 -23.98 -17.13 39.02
C LEU A 232 -23.35 -16.18 38.02
N TYR A 233 -24.13 -15.76 37.02
CA TYR A 233 -23.63 -14.93 35.93
C TYR A 233 -23.98 -13.46 36.10
N ARG A 234 -24.53 -13.08 37.27
CA ARG A 234 -24.89 -11.70 37.49
C ARG A 234 -23.63 -10.83 37.47
N LEU A 235 -23.73 -9.68 36.84
CA LEU A 235 -22.63 -8.74 36.76
C LEU A 235 -23.03 -7.41 37.38
N PRO A 236 -22.07 -6.64 37.92
CA PRO A 236 -22.37 -5.25 38.33
C PRO A 236 -22.99 -4.45 37.20
N GLU A 237 -23.72 -3.40 37.53
CA GLU A 237 -24.42 -2.63 36.50
C GLU A 237 -23.56 -1.52 35.90
N THR A 238 -22.41 -1.21 36.50
CA THR A 238 -21.49 -0.20 36.01
C THR A 238 -20.07 -0.69 36.23
N PRO A 239 -19.15 -0.36 35.32
CA PRO A 239 -17.76 -0.80 35.45
C PRO A 239 -17.08 -0.22 36.67
N LYS A 240 -16.01 -0.88 37.10
CA LYS A 240 -15.30 -0.48 38.32
C LYS A 240 -14.04 0.34 38.08
N THR A 241 -13.42 0.25 36.90
CA THR A 241 -12.14 0.91 36.71
C THR A 241 -12.32 2.42 36.60
N ALA A 242 -11.54 3.14 37.40
CA ALA A 242 -11.54 4.60 37.41
C ALA A 242 -11.10 5.16 36.06
N GLY A 243 -11.90 6.06 35.51
CA GLY A 243 -11.49 6.78 34.32
C GLY A 243 -11.81 6.08 33.02
N LEU A 244 -12.62 5.03 33.06
CA LEU A 244 -13.00 4.31 31.83
C LEU A 244 -14.01 5.12 31.04
N ARG A 245 -13.76 5.29 29.74
CA ARG A 245 -14.65 6.08 28.90
C ARG A 245 -14.48 5.61 27.45
N PRO A 246 -15.44 5.93 26.58
CA PRO A 246 -15.29 5.56 25.17
C PRO A 246 -14.08 6.25 24.54
N MET A 247 -13.40 5.52 23.66
CA MET A 247 -12.34 6.13 22.86
C MET A 247 -12.88 7.28 22.01
N GLU A 248 -12.10 8.34 21.92
CA GLU A 248 -12.40 9.53 21.14
C GLU A 248 -11.26 9.81 20.16
N THR A 249 -11.50 10.74 19.25
CA THR A 249 -10.51 11.05 18.23
C THR A 249 -9.16 11.42 18.83
N LYS A 250 -9.16 12.19 19.93
CA LYS A 250 -7.89 12.58 20.54
C LYS A 250 -7.10 11.39 21.09
N ASP A 251 -7.73 10.24 21.29
CA ASP A 251 -7.04 9.06 21.81
C ASP A 251 -6.34 8.23 20.73
N ILE A 252 -6.59 8.50 19.45
CA ILE A 252 -6.02 7.68 18.39
C ILE A 252 -4.51 7.50 18.53
N PRO A 253 -3.70 8.56 18.70
CA PRO A 253 -2.25 8.34 18.80
C PRO A 253 -1.83 7.48 19.98
N VAL A 254 -2.38 7.72 21.17
CA VAL A 254 -1.94 6.94 22.32
C VAL A 254 -2.45 5.50 22.24
N VAL A 255 -3.63 5.26 21.66
CA VAL A 255 -4.07 3.88 21.45
C VAL A 255 -3.13 3.18 20.48
N HIS A 256 -2.72 3.88 19.43
CA HIS A 256 -1.72 3.33 18.52
C HIS A 256 -0.42 3.01 19.25
N GLN A 257 0.03 3.93 20.10
CA GLN A 257 1.27 3.71 20.82
C GLN A 257 1.14 2.56 21.80
N LEU A 258 0.05 2.50 22.57
CA LEU A 258 -0.16 1.41 23.52
C LEU A 258 -0.18 0.06 22.83
N LEU A 259 -0.94 -0.04 21.74
CA LEU A 259 -1.07 -1.32 21.04
C LEU A 259 0.27 -1.78 20.46
N THR A 260 1.03 -0.86 19.85
CA THR A 260 2.28 -1.23 19.21
C THR A 260 3.27 -1.83 20.21
N ARG A 261 3.46 -1.18 21.37
N ARG A 261 3.45 -1.17 21.37
CA ARG A 261 4.38 -1.75 22.36
CA ARG A 261 4.35 -1.70 22.38
C ARG A 261 3.82 -3.03 22.97
C ARG A 261 3.82 -3.01 22.98
N TYR A 262 2.51 -3.08 23.22
CA TYR A 262 1.93 -4.28 23.83
C TYR A 262 2.10 -5.50 22.94
N LEU A 263 1.96 -5.35 21.61
CA LEU A 263 1.98 -6.50 20.73
C LEU A 263 3.38 -7.08 20.53
N LYS A 264 4.43 -6.37 20.94
CA LYS A 264 5.78 -6.85 20.67
C LYS A 264 6.08 -8.18 21.36
N GLN A 265 5.34 -8.53 22.41
CA GLN A 265 5.59 -9.76 23.17
C GLN A 265 5.02 -11.02 22.51
N PHE A 266 4.25 -10.89 21.44
CA PHE A 266 3.70 -12.06 20.75
C PHE A 266 4.47 -12.31 19.45
N HIS A 267 4.20 -13.47 18.83
CA HIS A 267 4.97 -13.89 17.66
C HIS A 267 4.23 -13.74 16.34
N LEU A 268 2.92 -13.54 16.35
CA LEU A 268 2.15 -13.27 15.13
C LEU A 268 1.23 -12.11 15.45
N THR A 269 1.49 -10.94 14.86
CA THR A 269 0.77 -9.73 15.23
C THR A 269 0.57 -8.85 14.00
N PRO A 270 -0.43 -7.97 14.03
CA PRO A 270 -0.52 -6.93 13.00
C PRO A 270 0.42 -5.77 13.33
N VAL A 271 0.86 -5.08 12.29
CA VAL A 271 1.65 -3.86 12.41
C VAL A 271 0.79 -2.76 11.81
N MET A 272 0.12 -1.98 12.64
CA MET A 272 -0.87 -1.02 12.18
C MET A 272 -0.26 0.37 12.11
N SER A 273 -0.58 1.11 11.05
CA SER A 273 -0.36 2.55 11.03
C SER A 273 -1.39 3.25 11.92
N GLN A 274 -1.18 4.55 12.13
CA GLN A 274 -2.15 5.30 12.92
C GLN A 274 -3.51 5.37 12.23
N GLU A 275 -3.51 5.42 10.89
CA GLU A 275 -4.78 5.40 10.16
C GLU A 275 -5.48 4.06 10.28
N GLU A 276 -4.72 2.97 10.34
CA GLU A 276 -5.35 1.66 10.56
C GLU A 276 -5.90 1.56 11.97
N VAL A 277 -5.20 2.12 12.96
CA VAL A 277 -5.73 2.10 14.32
C VAL A 277 -7.05 2.84 14.37
N GLU A 278 -7.13 4.02 13.73
CA GLU A 278 -8.39 4.73 13.67
C GLU A 278 -9.48 3.85 13.07
N HIS A 279 -9.19 3.18 11.95
CA HIS A 279 -10.22 2.36 11.31
C HIS A 279 -10.68 1.23 12.23
N TRP A 280 -9.75 0.47 12.79
CA TRP A 280 -10.13 -0.74 13.50
C TRP A 280 -10.66 -0.47 14.91
N PHE A 281 -10.40 0.72 15.49
CA PHE A 281 -10.77 0.93 16.89
C PHE A 281 -11.72 2.08 17.15
N TYR A 282 -11.79 3.07 16.27
CA TYR A 282 -12.67 4.21 16.57
C TYR A 282 -14.11 3.71 16.66
N PRO A 283 -14.83 3.99 17.75
CA PRO A 283 -16.09 3.28 17.98
C PRO A 283 -17.12 3.59 16.89
N GLN A 284 -17.85 2.55 16.50
CA GLN A 284 -18.94 2.64 15.54
C GLN A 284 -20.06 1.77 16.08
N GLU A 285 -21.22 2.36 16.33
CA GLU A 285 -22.29 1.63 17.01
C GLU A 285 -22.65 0.37 16.23
N ASN A 286 -22.81 -0.73 16.98
CA ASN A 286 -23.16 -2.06 16.46
C ASN A 286 -22.10 -2.62 15.53
N ILE A 287 -20.86 -2.14 15.64
CA ILE A 287 -19.76 -2.69 14.86
C ILE A 287 -18.57 -2.92 15.78
N ILE A 288 -18.02 -1.83 16.34
CA ILE A 288 -16.80 -1.89 17.12
C ILE A 288 -16.92 -0.94 18.30
N ASP A 289 -16.62 -1.44 19.49
CA ASP A 289 -16.59 -0.66 20.73
C ASP A 289 -15.18 -0.65 21.28
N THR A 290 -14.68 0.54 21.63
CA THR A 290 -13.38 0.70 22.27
C THR A 290 -13.53 1.65 23.44
N PHE A 291 -13.08 1.22 24.62
CA PHE A 291 -13.05 2.05 25.83
C PHE A 291 -11.60 2.20 26.30
N VAL A 292 -11.22 3.43 26.68
CA VAL A 292 -9.88 3.71 27.17
C VAL A 292 -9.98 4.01 28.67
N VAL A 293 -8.88 3.78 29.38
CA VAL A 293 -8.75 4.23 30.78
C VAL A 293 -7.89 5.48 30.79
N GLU A 294 -8.49 6.61 31.20
CA GLU A 294 -7.77 7.87 31.35
C GLU A 294 -7.64 8.15 32.85
N ASN A 295 -6.40 8.17 33.34
CA ASN A 295 -6.18 8.17 34.78
C ASN A 295 -6.30 9.59 35.35
N ALA A 296 -5.96 9.74 36.63
CA ALA A 296 -6.10 11.02 37.34
C ALA A 296 -5.17 12.10 36.82
N ASN A 297 -4.13 11.71 36.07
CA ASN A 297 -3.21 12.63 35.43
C ASN A 297 -3.65 13.00 34.02
N GLY A 298 -4.74 12.41 33.54
CA GLY A 298 -5.17 12.62 32.18
C GLY A 298 -4.49 11.75 31.14
N GLU A 299 -3.71 10.76 31.57
CA GLU A 299 -2.97 9.90 30.64
C GLU A 299 -3.81 8.66 30.36
N VAL A 300 -3.88 8.26 29.09
CA VAL A 300 -4.53 7.00 28.73
C VAL A 300 -3.53 5.87 28.92
N THR A 301 -3.88 4.91 29.77
CA THR A 301 -2.96 3.83 30.14
C THR A 301 -3.42 2.45 29.72
N ASP A 302 -4.68 2.27 29.35
CA ASP A 302 -5.19 0.95 29.00
C ASP A 302 -6.33 1.14 28.00
N PHE A 303 -6.68 0.06 27.31
CA PHE A 303 -7.92 0.10 26.55
C PHE A 303 -8.41 -1.32 26.29
N LEU A 304 -9.72 -1.44 26.11
CA LEU A 304 -10.39 -2.68 25.78
C LEU A 304 -11.26 -2.46 24.55
N SER A 305 -11.49 -3.53 23.79
CA SER A 305 -12.31 -3.42 22.60
C SER A 305 -12.97 -4.76 22.28
N PHE A 306 -14.14 -4.69 21.65
CA PHE A 306 -14.86 -5.87 21.23
C PHE A 306 -15.74 -5.50 20.03
N TYR A 307 -15.92 -6.45 19.10
CA TYR A 307 -16.79 -6.16 17.97
C TYR A 307 -18.11 -6.93 18.07
N THR A 308 -19.08 -6.44 17.31
CA THR A 308 -20.46 -6.89 17.33
C THR A 308 -20.67 -7.89 16.22
N LEU A 309 -21.16 -9.08 16.54
CA LEU A 309 -21.45 -10.07 15.50
C LEU A 309 -22.66 -10.90 15.93
N PRO A 310 -23.85 -10.53 15.48
CA PRO A 310 -25.05 -11.31 15.80
C PRO A 310 -25.15 -12.55 14.92
N SER A 311 -26.04 -13.45 15.31
CA SER A 311 -26.24 -14.69 14.55
C SER A 311 -27.72 -15.01 14.42
N THR A 312 -28.10 -15.48 13.23
CA THR A 312 -29.43 -15.99 12.99
C THR A 312 -29.66 -17.25 13.81
N ILE A 313 -30.85 -17.38 14.38
CA ILE A 313 -31.25 -18.61 15.06
C ILE A 313 -31.99 -19.43 14.00
N MET A 314 -31.32 -20.47 13.48
CA MET A 314 -31.77 -21.09 12.25
C MET A 314 -33.08 -21.84 12.42
N ASN A 315 -33.30 -22.45 13.59
CA ASN A 315 -34.53 -23.21 13.77
C ASN A 315 -35.73 -22.30 14.00
N HIS A 316 -35.51 -21.11 14.57
CA HIS A 316 -36.55 -20.10 14.73
C HIS A 316 -36.02 -18.76 14.21
N PRO A 317 -35.91 -18.61 12.88
CA PRO A 317 -35.41 -17.33 12.33
C PRO A 317 -36.34 -16.16 12.57
N THR A 318 -37.51 -16.40 13.18
CA THR A 318 -38.41 -15.33 13.58
C THR A 318 -37.98 -14.71 14.90
N HIS A 319 -37.34 -15.50 15.77
CA HIS A 319 -37.18 -15.17 17.19
C HIS A 319 -35.88 -14.40 17.41
N LYS A 320 -35.87 -13.16 16.89
CA LYS A 320 -34.74 -12.26 17.05
C LYS A 320 -33.43 -12.93 16.65
N SER A 321 -32.36 -12.65 17.37
CA SER A 321 -31.05 -13.15 16.99
C SER A 321 -30.15 -13.18 18.22
N LEU A 322 -29.19 -14.09 18.19
CA LEU A 322 -28.19 -14.22 19.24
C LEU A 322 -27.19 -13.08 19.11
N LYS A 323 -27.19 -12.16 20.05
CA LYS A 323 -26.31 -10.99 19.98
C LYS A 323 -25.02 -11.29 20.75
N ALA A 324 -23.90 -11.40 20.01
CA ALA A 324 -22.61 -11.77 20.60
C ALA A 324 -21.59 -10.65 20.42
N ALA A 325 -20.78 -10.45 21.46
CA ALA A 325 -19.64 -9.55 21.39
C ALA A 325 -18.38 -10.38 21.36
N TYR A 326 -17.43 -10.01 20.50
CA TYR A 326 -16.17 -10.74 20.35
C TYR A 326 -15.03 -9.87 20.84
N SER A 327 -14.27 -10.38 21.80
CA SER A 327 -13.08 -9.69 22.28
C SER A 327 -12.15 -9.40 21.11
N PHE A 328 -11.59 -8.18 21.08
CA PHE A 328 -10.77 -7.75 19.96
C PHE A 328 -9.33 -7.60 20.47
N TYR A 329 -8.83 -6.39 20.69
CA TYR A 329 -7.52 -6.21 21.31
C TYR A 329 -7.71 -5.51 22.65
N ASN A 330 -7.02 -6.02 23.67
CA ASN A 330 -7.11 -5.49 25.02
C ASN A 330 -5.70 -5.27 25.54
N VAL A 331 -5.37 -4.02 25.83
CA VAL A 331 -4.02 -3.62 26.19
C VAL A 331 -4.07 -3.06 27.61
N HIS A 332 -3.23 -3.61 28.47
CA HIS A 332 -3.15 -3.17 29.86
C HIS A 332 -1.72 -2.78 30.15
N THR A 333 -1.52 -1.60 30.75
CA THR A 333 -0.24 -1.21 31.32
C THR A 333 -0.34 -0.79 32.77
N GLN A 334 -1.49 -0.36 33.24
CA GLN A 334 -1.67 0.03 34.64
C GLN A 334 -2.88 -0.62 35.29
N THR A 335 -3.97 -0.80 34.56
CA THR A 335 -5.10 -1.57 35.08
C THR A 335 -4.81 -3.05 34.91
N PRO A 336 -5.04 -3.87 35.94
CA PRO A 336 -4.90 -5.33 35.76
C PRO A 336 -5.83 -5.83 34.65
N LEU A 337 -5.31 -6.73 33.83
CA LEU A 337 -6.09 -7.27 32.73
C LEU A 337 -7.39 -7.89 33.24
N LEU A 338 -7.34 -8.56 34.41
CA LEU A 338 -8.55 -9.16 34.98
C LEU A 338 -9.64 -8.11 35.20
N ASP A 339 -9.25 -6.95 35.75
CA ASP A 339 -10.22 -5.86 35.97
C ASP A 339 -10.70 -5.27 34.65
N LEU A 340 -9.79 -5.09 33.69
CA LEU A 340 -10.18 -4.57 32.38
C LEU A 340 -11.21 -5.46 31.72
N MET A 341 -11.02 -6.78 31.77
CA MET A 341 -11.99 -7.65 31.12
C MET A 341 -13.29 -7.74 31.91
N SER A 342 -13.23 -7.68 33.24
N SER A 342 -13.23 -7.68 33.24
CA SER A 342 -14.47 -7.58 34.00
CA SER A 342 -14.45 -7.57 34.01
C SER A 342 -15.30 -6.39 33.53
C SER A 342 -15.30 -6.39 33.56
N ASP A 343 -14.66 -5.25 33.29
CA ASP A 343 -15.38 -4.09 32.79
C ASP A 343 -15.90 -4.32 31.39
N ALA A 344 -15.13 -5.03 30.54
CA ALA A 344 -15.62 -5.37 29.21
C ALA A 344 -16.93 -6.14 29.28
N LEU A 345 -17.02 -7.11 30.21
CA LEU A 345 -18.26 -7.89 30.35
C LEU A 345 -19.42 -6.99 30.75
N VAL A 346 -19.19 -6.12 31.73
CA VAL A 346 -20.26 -5.24 32.21
C VAL A 346 -20.74 -4.35 31.08
N LEU A 347 -19.82 -3.77 30.31
CA LEU A 347 -20.23 -2.89 29.21
C LEU A 347 -20.98 -3.66 28.14
N ALA A 348 -20.54 -4.88 27.83
CA ALA A 348 -21.27 -5.69 26.86
C ALA A 348 -22.67 -6.02 27.36
N LYS A 349 -22.78 -6.38 28.63
CA LYS A 349 -24.11 -6.60 29.23
C LYS A 349 -24.97 -5.35 29.10
N MET A 350 -24.43 -4.19 29.49
CA MET A 350 -25.15 -2.92 29.38
C MET A 350 -25.64 -2.68 27.96
N LYS A 351 -24.83 -3.03 26.95
CA LYS A 351 -25.16 -2.77 25.56
C LYS A 351 -26.07 -3.84 24.96
N GLY A 352 -26.57 -4.77 25.76
CA GLY A 352 -27.57 -5.71 25.27
C GLY A 352 -27.05 -6.97 24.63
N PHE A 353 -25.76 -7.30 24.78
CA PHE A 353 -25.24 -8.56 24.27
C PHE A 353 -25.69 -9.72 25.15
N ASP A 354 -25.90 -10.86 24.51
CA ASP A 354 -26.28 -12.10 25.19
C ASP A 354 -25.07 -12.90 25.67
N VAL A 355 -23.96 -12.84 24.93
CA VAL A 355 -22.77 -13.63 25.24
C VAL A 355 -21.55 -12.81 24.82
N PHE A 356 -20.43 -13.03 25.53
CA PHE A 356 -19.16 -12.39 25.25
C PHE A 356 -18.16 -13.49 24.92
N ASN A 357 -17.63 -13.46 23.70
CA ASN A 357 -16.73 -14.50 23.21
C ASN A 357 -15.29 -14.01 23.23
N ALA A 358 -14.38 -14.91 23.58
CA ALA A 358 -12.95 -14.61 23.50
C ALA A 358 -12.21 -15.88 23.16
N LEU A 359 -11.08 -15.71 22.48
CA LEU A 359 -10.16 -16.80 22.19
C LEU A 359 -9.17 -16.95 23.34
N ASP A 360 -8.45 -18.07 23.36
CA ASP A 360 -7.43 -18.29 24.37
C ASP A 360 -6.06 -17.78 23.93
N LEU A 361 -5.99 -16.85 22.97
CA LEU A 361 -4.72 -16.31 22.52
C LEU A 361 -4.27 -15.17 23.45
N MET A 362 -3.14 -14.56 23.10
CA MET A 362 -2.50 -13.46 23.87
C MET A 362 -2.48 -13.90 25.33
N GLU A 363 -2.87 -13.02 26.28
CA GLU A 363 -2.86 -13.39 27.70
C GLU A 363 -4.23 -13.81 28.19
N ASN A 364 -5.13 -14.20 27.28
CA ASN A 364 -6.52 -14.38 27.66
C ASN A 364 -6.70 -15.54 28.64
N LYS A 365 -5.83 -16.55 28.61
CA LYS A 365 -5.98 -17.68 29.53
C LYS A 365 -5.83 -17.25 30.98
N THR A 366 -5.25 -16.08 31.24
CA THR A 366 -5.12 -15.62 32.61
C THR A 366 -6.45 -15.15 33.20
N PHE A 367 -7.46 -14.88 32.38
CA PHE A 367 -8.73 -14.41 32.91
C PHE A 367 -9.94 -15.26 32.56
N LEU A 368 -9.84 -16.17 31.58
CA LEU A 368 -11.04 -16.85 31.10
C LEU A 368 -11.75 -17.60 32.22
N GLU A 369 -11.06 -18.52 32.90
CA GLU A 369 -11.73 -19.30 33.94
C GLU A 369 -12.19 -18.41 35.08
N LYS A 370 -11.36 -17.46 35.49
CA LYS A 370 -11.69 -16.60 36.62
C LYS A 370 -12.95 -15.79 36.38
N LEU A 371 -13.17 -15.34 35.14
CA LEU A 371 -14.34 -14.53 34.84
C LEU A 371 -15.52 -15.36 34.37
N LYS A 372 -15.46 -16.67 34.57
CA LYS A 372 -16.58 -17.59 34.37
C LYS A 372 -16.91 -17.80 32.89
N PHE A 373 -15.90 -17.68 32.02
CA PHE A 373 -16.05 -18.17 30.67
C PHE A 373 -16.13 -19.70 30.67
N GLY A 374 -16.92 -20.24 29.75
CA GLY A 374 -16.95 -21.68 29.50
C GLY A 374 -16.30 -22.02 28.18
N ILE A 375 -15.65 -23.19 28.12
CA ILE A 375 -14.91 -23.56 26.92
C ILE A 375 -15.89 -23.91 25.81
N GLY A 376 -15.57 -23.50 24.56
CA GLY A 376 -16.45 -23.71 23.44
C GLY A 376 -16.13 -24.99 22.70
N ASP A 377 -17.02 -25.34 21.76
CA ASP A 377 -16.81 -26.54 20.95
C ASP A 377 -16.09 -26.24 19.64
N GLY A 378 -15.72 -24.99 19.39
CA GLY A 378 -15.06 -24.64 18.14
C GLY A 378 -13.66 -24.10 18.28
N ASN A 379 -12.73 -24.64 17.48
CA ASN A 379 -11.38 -24.13 17.38
C ASN A 379 -11.31 -23.04 16.33
N LEU A 380 -10.24 -22.25 16.40
CA LEU A 380 -9.91 -21.31 15.34
C LEU A 380 -8.45 -21.54 14.97
N GLN A 381 -8.22 -22.07 13.78
CA GLN A 381 -6.87 -22.30 13.27
C GLN A 381 -6.35 -21.06 12.56
N TYR A 382 -5.09 -20.74 12.77
CA TYR A 382 -4.40 -19.64 12.10
C TYR A 382 -3.45 -20.20 11.05
N TYR A 383 -3.40 -19.54 9.89
CA TYR A 383 -2.60 -20.01 8.77
C TYR A 383 -1.82 -18.87 8.12
N LEU A 384 -0.67 -19.23 7.56
CA LEU A 384 0.08 -18.37 6.66
C LEU A 384 0.20 -19.09 5.32
N TYR A 385 0.13 -18.32 4.24
CA TYR A 385 0.28 -18.83 2.89
C TYR A 385 1.64 -18.39 2.38
N ASN A 386 2.42 -19.35 1.86
CA ASN A 386 3.75 -19.08 1.31
C ASN A 386 4.72 -18.54 2.36
N TRP A 387 4.57 -19.02 3.59
CA TRP A 387 5.52 -18.67 4.64
C TRP A 387 5.62 -19.86 5.58
N LYS A 388 6.78 -20.48 5.60
CA LYS A 388 7.03 -21.67 6.38
C LYS A 388 7.78 -21.24 7.64
N CYS A 389 7.18 -21.44 8.80
CA CYS A 389 7.81 -21.08 10.07
C CYS A 389 7.33 -22.07 11.14
N PRO A 390 8.01 -22.14 12.29
CA PRO A 390 7.54 -23.02 13.36
C PRO A 390 6.13 -22.64 13.83
N SER A 391 5.39 -23.63 14.30
CA SER A 391 4.10 -23.30 14.91
C SER A 391 4.32 -22.71 16.30
N MET A 392 3.26 -22.13 16.86
CA MET A 392 3.34 -21.47 18.16
C MET A 392 2.10 -21.80 18.97
N GLY A 393 2.24 -21.72 20.30
CA GLY A 393 1.09 -21.87 21.16
C GLY A 393 0.16 -20.68 21.09
N ALA A 394 -1.09 -20.92 21.52
CA ALA A 394 -2.12 -19.89 21.44
C ALA A 394 -1.70 -18.60 22.12
N GLU A 395 -0.96 -18.69 23.23
CA GLU A 395 -0.62 -17.49 23.98
C GLU A 395 0.39 -16.61 23.26
N LYS A 396 0.98 -17.09 22.17
CA LYS A 396 1.90 -16.27 21.39
C LYS A 396 1.22 -15.70 20.14
N VAL A 397 0.00 -16.11 19.83
CA VAL A 397 -0.78 -15.51 18.76
C VAL A 397 -1.33 -14.17 19.25
N GLY A 398 -0.99 -13.08 18.55
CA GLY A 398 -1.44 -11.75 18.91
C GLY A 398 -2.14 -11.07 17.75
N LEU A 399 -3.00 -11.81 17.07
CA LEU A 399 -3.71 -11.36 15.88
C LEU A 399 -5.15 -11.79 16.00
N VAL A 400 -6.08 -10.85 15.82
CA VAL A 400 -7.50 -11.15 15.85
C VAL A 400 -8.11 -10.65 14.54
N LEU A 401 -8.62 -11.58 13.73
CA LEU A 401 -9.31 -11.26 12.49
C LEU A 401 -10.82 -11.25 12.73
N GLN A 402 -11.58 -10.95 11.67
CA GLN A 402 -13.05 -10.85 11.81
C GLN A 402 -13.75 -12.16 11.45
N GLN B 9 18.39 32.95 2.60
CA GLN B 9 19.27 31.83 2.30
C GLN B 9 18.80 31.09 1.05
N GLY B 10 19.36 31.47 -0.11
CA GLY B 10 18.93 30.95 -1.39
C GLY B 10 19.58 29.62 -1.72
N PRO B 11 19.07 28.99 -2.78
CA PRO B 11 19.46 27.61 -3.08
C PRO B 11 20.87 27.50 -3.62
N ALA B 12 21.43 26.30 -3.52
CA ALA B 12 22.76 25.99 -4.03
C ALA B 12 22.65 24.90 -5.09
N LYS B 13 23.18 25.17 -6.28
CA LYS B 13 23.16 24.19 -7.36
C LYS B 13 24.46 23.42 -7.49
N THR B 14 25.54 23.90 -6.89
CA THR B 14 26.81 23.19 -6.85
C THR B 14 27.15 22.85 -5.41
N MET B 15 27.92 21.78 -5.23
CA MET B 15 28.38 21.44 -3.89
C MET B 15 29.25 22.54 -3.29
N GLU B 16 29.89 23.36 -4.14
CA GLU B 16 30.69 24.47 -3.65
C GLU B 16 29.83 25.48 -2.89
N GLU B 17 28.76 25.96 -3.53
CA GLU B 17 27.86 26.90 -2.86
C GLU B 17 27.18 26.25 -1.65
N ALA B 18 27.03 24.93 -1.67
CA ALA B 18 26.24 24.24 -0.65
C ALA B 18 26.98 24.12 0.68
N SER B 19 28.26 23.72 0.63
CA SER B 19 29.00 23.54 1.87
C SER B 19 29.24 24.85 2.61
N LYS B 20 29.12 25.99 1.93
CA LYS B 20 29.20 27.30 2.56
C LYS B 20 27.85 27.81 3.06
N ARG B 21 26.80 27.00 2.99
CA ARG B 21 25.45 27.44 3.28
C ARG B 21 24.97 26.90 4.62
N SER B 22 23.97 27.59 5.17
CA SER B 22 23.32 27.23 6.41
C SER B 22 21.93 26.67 6.09
N TYR B 23 21.60 25.51 6.66
CA TYR B 23 20.36 24.81 6.34
C TYR B 23 19.47 24.85 7.59
N GLN B 24 18.78 25.98 7.76
CA GLN B 24 17.94 26.17 8.94
C GLN B 24 16.83 25.14 9.01
N PHE B 25 16.23 24.80 7.87
CA PHE B 25 15.23 23.74 7.88
C PHE B 25 15.87 22.36 7.84
N TRP B 26 16.77 22.10 6.87
CA TRP B 26 17.20 20.72 6.70
C TRP B 26 18.01 20.21 7.89
N ASP B 27 18.63 21.09 8.68
CA ASP B 27 19.31 20.65 9.89
C ASP B 27 18.34 20.02 10.89
N THR B 28 17.05 20.39 10.85
CA THR B 28 16.08 19.83 11.80
C THR B 28 15.54 18.46 11.38
N GLN B 29 15.87 18.00 10.17
CA GLN B 29 15.27 16.82 9.55
C GLN B 29 16.15 15.60 9.71
N PRO B 30 15.58 14.40 9.64
CA PRO B 30 16.40 13.18 9.79
C PRO B 30 17.08 12.79 8.47
N VAL B 31 18.04 13.61 8.07
CA VAL B 31 18.93 13.30 6.94
C VAL B 31 20.37 13.54 7.40
N PRO B 32 21.34 12.89 6.76
CA PRO B 32 22.74 13.12 7.14
C PRO B 32 23.18 14.54 6.78
N LYS B 33 24.19 15.01 7.51
CA LYS B 33 24.75 16.32 7.21
C LYS B 33 25.59 16.26 5.95
N LEU B 34 25.63 17.37 5.22
CA LEU B 34 26.39 17.45 3.97
C LEU B 34 27.86 17.11 4.18
N GLY B 35 28.44 17.48 5.32
CA GLY B 35 29.87 17.28 5.51
C GLY B 35 30.26 15.83 5.73
N GLU B 36 29.51 15.12 6.57
CA GLU B 36 29.89 13.77 6.98
C GLU B 36 29.84 12.78 5.81
N VAL B 37 30.71 11.77 5.88
CA VAL B 37 30.62 10.60 5.02
C VAL B 37 29.85 9.53 5.78
N VAL B 38 28.88 8.91 5.11
CA VAL B 38 28.02 7.90 5.74
C VAL B 38 28.67 6.53 5.53
N ASN B 39 28.92 5.83 6.64
CA ASN B 39 29.51 4.50 6.57
C ASN B 39 28.59 3.43 7.14
N THR B 40 27.35 3.77 7.46
CA THR B 40 26.38 2.84 8.04
C THR B 40 25.18 2.68 7.09
N HIS B 41 24.28 1.77 7.45
CA HIS B 41 23.08 1.46 6.68
C HIS B 41 21.90 1.39 7.65
N GLY B 42 20.94 2.32 7.53
CA GLY B 42 19.72 2.21 8.30
C GLY B 42 19.00 3.52 8.52
N PRO B 43 17.89 3.46 9.26
CA PRO B 43 17.12 4.69 9.54
C PRO B 43 17.94 5.70 10.29
N VAL B 44 17.71 6.99 10.00
CA VAL B 44 18.32 8.04 10.80
C VAL B 44 17.72 8.06 12.21
N GLU B 45 16.41 7.86 12.32
CA GLU B 45 15.70 7.86 13.58
C GLU B 45 14.66 6.76 13.54
N PRO B 46 14.22 6.26 14.69
CA PRO B 46 13.24 5.16 14.70
C PRO B 46 11.88 5.61 14.20
N ASP B 47 11.06 4.62 13.86
CA ASP B 47 9.68 4.89 13.49
C ASP B 47 8.95 5.51 14.67
N LYS B 48 8.07 6.47 14.38
CA LYS B 48 7.29 7.16 15.41
C LYS B 48 6.03 6.37 15.70
N ASP B 49 5.71 6.15 16.97
CA ASP B 49 4.49 5.39 17.27
C ASP B 49 3.34 6.28 17.72
N ASN B 50 3.52 7.59 17.73
CA ASN B 50 2.37 8.50 17.80
C ASN B 50 2.66 9.66 16.87
N ILE B 51 1.68 10.03 16.05
CA ILE B 51 1.83 11.02 15.01
C ILE B 51 0.91 12.20 15.27
N ARG B 52 1.44 13.40 15.08
N ARG B 52 1.44 13.40 15.08
CA ARG B 52 0.65 14.63 15.21
CA ARG B 52 0.66 14.64 15.18
C ARG B 52 -0.60 14.57 14.35
C ARG B 52 -0.60 14.57 14.33
N GLN B 53 -1.75 14.83 14.97
CA GLN B 53 -3.04 14.73 14.29
C GLN B 53 -3.48 16.01 13.60
N GLU B 54 -2.93 17.14 13.99
CA GLU B 54 -3.33 18.41 13.41
C GLU B 54 -2.41 18.80 12.27
N PRO B 55 -2.96 19.30 11.18
CA PRO B 55 -2.12 19.85 10.11
C PRO B 55 -1.28 20.99 10.65
N TYR B 56 -0.09 21.14 10.07
CA TYR B 56 0.78 22.25 10.44
C TYR B 56 0.15 23.58 10.02
N THR B 57 0.42 24.61 10.80
N THR B 57 0.44 24.62 10.80
CA THR B 57 -0.17 25.93 10.54
CA THR B 57 -0.10 25.95 10.56
C THR B 57 0.51 26.60 9.35
C THR B 57 0.53 26.60 9.34
N LEU B 58 -0.31 27.18 8.48
CA LEU B 58 0.08 28.00 7.35
C LEU B 58 0.00 29.47 7.73
N PRO B 59 0.71 30.36 7.01
CA PRO B 59 0.54 31.79 7.28
C PRO B 59 -0.91 32.21 7.09
N GLN B 60 -1.29 33.29 7.79
CA GLN B 60 -2.68 33.73 7.78
C GLN B 60 -3.16 34.00 6.36
N GLY B 61 -4.38 33.54 6.07
CA GLY B 61 -4.98 33.76 4.76
C GLY B 61 -4.79 32.61 3.79
N PHE B 62 -4.17 31.51 4.23
CA PHE B 62 -3.95 30.34 3.39
C PHE B 62 -4.47 29.11 4.12
N THR B 63 -4.95 28.13 3.35
CA THR B 63 -5.54 26.94 3.91
C THR B 63 -5.10 25.72 3.10
N TRP B 64 -5.05 24.58 3.77
CA TRP B 64 -4.80 23.31 3.07
C TRP B 64 -6.02 22.88 2.28
N ASP B 65 -5.76 22.21 1.16
CA ASP B 65 -6.84 21.60 0.37
C ASP B 65 -6.27 20.41 -0.38
N ALA B 66 -6.77 19.21 -0.09
CA ALA B 66 -6.41 18.04 -0.89
C ALA B 66 -7.06 18.14 -2.28
N LEU B 67 -6.27 17.92 -3.32
CA LEU B 67 -6.74 18.12 -4.68
C LEU B 67 -7.24 16.80 -5.26
N ASP B 68 -8.52 16.76 -5.63
CA ASP B 68 -9.11 15.63 -6.34
C ASP B 68 -8.77 15.79 -7.82
N LEU B 69 -7.72 15.09 -8.26
CA LEU B 69 -7.28 15.23 -9.64
C LEU B 69 -8.23 14.57 -10.63
N GLY B 70 -9.22 13.81 -10.14
CA GLY B 70 -10.30 13.33 -10.99
C GLY B 70 -11.31 14.39 -11.37
N ASP B 71 -11.32 15.52 -10.66
CA ASP B 71 -12.12 16.68 -11.04
C ASP B 71 -11.33 17.46 -12.09
N ARG B 72 -11.84 17.49 -13.32
CA ARG B 72 -11.08 18.08 -14.42
C ARG B 72 -10.70 19.53 -14.12
N GLY B 73 -11.59 20.28 -13.47
CA GLY B 73 -11.28 21.67 -13.17
C GLY B 73 -10.17 21.81 -12.14
N VAL B 74 -10.17 20.96 -11.12
CA VAL B 74 -9.10 20.98 -10.12
C VAL B 74 -7.78 20.55 -10.76
N LEU B 75 -7.80 19.52 -11.61
CA LEU B 75 -6.59 19.14 -12.33
C LEU B 75 -6.06 20.31 -13.15
N LYS B 76 -6.96 21.07 -13.79
CA LYS B 76 -6.51 22.20 -14.59
C LYS B 76 -5.92 23.32 -13.72
N GLU B 77 -6.40 23.47 -12.49
CA GLU B 77 -5.79 24.46 -11.58
C GLU B 77 -4.37 24.07 -11.23
N LEU B 78 -4.13 22.77 -10.98
CA LEU B 78 -2.78 22.31 -10.71
C LEU B 78 -1.90 22.45 -11.95
N TYR B 79 -2.44 22.08 -13.13
CA TYR B 79 -1.68 22.30 -14.35
C TYR B 79 -1.22 23.74 -14.47
N THR B 80 -2.10 24.69 -14.18
CA THR B 80 -1.78 26.11 -14.32
C THR B 80 -0.75 26.55 -13.28
N LEU B 81 -0.91 26.13 -12.03
CA LEU B 81 0.09 26.46 -11.01
C LEU B 81 1.49 26.04 -11.46
N LEU B 82 1.61 24.80 -11.94
CA LEU B 82 2.93 24.31 -12.33
C LEU B 82 3.38 24.94 -13.64
N ASN B 83 2.46 25.15 -14.57
CA ASN B 83 2.81 25.77 -15.84
C ASN B 83 3.43 27.16 -15.62
N GLU B 84 2.95 27.89 -14.60
CA GLU B 84 3.40 29.25 -14.34
C GLU B 84 4.49 29.36 -13.28
N ASN B 85 4.68 28.34 -12.44
CA ASN B 85 5.54 28.51 -11.27
C ASN B 85 6.49 27.35 -10.98
N TYR B 86 6.54 26.31 -11.81
CA TYR B 86 7.38 25.16 -11.50
C TYR B 86 8.79 25.40 -12.04
N VAL B 87 9.56 24.32 -12.22
CA VAL B 87 11.01 24.43 -12.36
C VAL B 87 11.38 25.12 -13.67
N GLU B 88 12.30 26.08 -13.58
CA GLU B 88 12.86 26.76 -14.75
C GLU B 88 14.35 26.42 -14.88
N ASP B 89 14.91 26.71 -16.05
CA ASP B 89 16.35 26.57 -16.22
C ASP B 89 17.06 27.69 -15.47
N ASP B 90 18.39 27.56 -15.37
CA ASP B 90 19.15 28.51 -14.57
C ASP B 90 19.10 29.94 -15.12
N ASP B 91 18.83 30.10 -16.42
CA ASP B 91 18.79 31.42 -17.04
C ASP B 91 17.38 31.96 -17.19
N ASN B 92 16.37 31.28 -16.66
CA ASN B 92 14.98 31.74 -16.71
C ASN B 92 14.48 31.92 -18.15
N MET B 93 14.85 30.98 -19.01
CA MET B 93 14.41 30.99 -20.40
C MET B 93 13.39 29.90 -20.73
N PHE B 94 13.35 28.82 -19.94
CA PHE B 94 12.46 27.69 -20.17
C PHE B 94 11.85 27.26 -18.84
N ARG B 95 10.63 26.75 -18.89
CA ARG B 95 9.93 26.23 -17.71
C ARG B 95 9.18 24.96 -18.10
N PHE B 96 9.27 23.93 -17.25
CA PHE B 96 8.55 22.70 -17.56
C PHE B 96 7.06 22.97 -17.74
N ASP B 97 6.43 22.20 -18.64
CA ASP B 97 5.01 22.33 -18.95
C ASP B 97 4.38 20.94 -18.90
N TYR B 98 4.34 20.35 -17.70
CA TYR B 98 3.68 19.06 -17.51
C TYR B 98 2.21 19.13 -17.90
N SER B 99 1.78 18.20 -18.73
CA SER B 99 0.41 18.26 -19.19
C SER B 99 -0.54 17.73 -18.12
N PRO B 100 -1.82 18.11 -18.18
CA PRO B 100 -2.80 17.52 -17.25
C PRO B 100 -2.81 16.00 -17.26
N GLU B 101 -2.79 15.40 -18.46
CA GLU B 101 -2.84 13.94 -18.56
C GLU B 101 -1.55 13.30 -18.03
N PHE B 102 -0.41 13.94 -18.27
CA PHE B 102 0.84 13.49 -17.64
C PHE B 102 0.74 13.54 -16.12
N LEU B 103 0.18 14.64 -15.59
CA LEU B 103 0.06 14.76 -14.14
C LEU B 103 -0.79 13.63 -13.56
N LEU B 104 -1.88 13.24 -14.25
CA LEU B 104 -2.67 12.12 -13.77
C LEU B 104 -1.85 10.84 -13.75
N TRP B 105 -1.04 10.61 -14.79
CA TRP B 105 -0.17 9.44 -14.84
C TRP B 105 0.82 9.43 -13.69
N ALA B 106 1.44 10.57 -13.41
CA ALA B 106 2.51 10.63 -12.41
C ALA B 106 1.95 10.58 -10.99
N LEU B 107 0.72 11.06 -10.80
CA LEU B 107 0.19 11.25 -9.46
C LEU B 107 -0.86 10.21 -9.08
N ARG B 108 -1.36 9.43 -10.03
CA ARG B 108 -2.26 8.37 -9.62
C ARG B 108 -1.77 6.99 -10.03
N PRO B 109 -0.54 6.59 -9.67
CA PRO B 109 -0.16 5.19 -9.88
C PRO B 109 -0.87 4.30 -8.88
N PRO B 110 -0.70 2.99 -8.97
CA PRO B 110 -1.32 2.10 -7.98
C PRO B 110 -0.96 2.49 -6.55
N GLY B 111 -1.96 2.53 -5.67
CA GLY B 111 -1.73 2.89 -4.30
C GLY B 111 -1.80 4.37 -3.98
N TRP B 112 -2.08 5.22 -4.98
CA TRP B 112 -2.14 6.66 -4.72
C TRP B 112 -3.23 6.96 -3.71
N LEU B 113 -3.02 8.02 -2.93
CA LEU B 113 -3.97 8.42 -1.90
C LEU B 113 -4.36 9.87 -2.08
N PRO B 114 -5.63 10.20 -1.86
CA PRO B 114 -6.09 11.58 -2.04
C PRO B 114 -5.39 12.58 -1.13
N GLN B 115 -5.17 12.23 0.13
CA GLN B 115 -4.54 13.16 1.07
C GLN B 115 -3.08 13.46 0.73
N TRP B 116 -2.47 12.66 -0.15
CA TRP B 116 -1.10 12.89 -0.58
C TRP B 116 -0.99 13.82 -1.77
N HIS B 117 -2.09 14.40 -2.25
CA HIS B 117 -2.05 15.46 -3.27
C HIS B 117 -2.36 16.75 -2.52
N CYS B 118 -1.32 17.34 -1.95
CA CYS B 118 -1.46 18.31 -0.86
C CYS B 118 -1.34 19.74 -1.42
N GLY B 119 -2.50 20.41 -1.56
CA GLY B 119 -2.55 21.76 -2.08
C GLY B 119 -2.71 22.84 -1.01
N VAL B 120 -2.33 24.07 -1.39
CA VAL B 120 -2.48 25.26 -0.55
C VAL B 120 -3.26 26.29 -1.36
N ARG B 121 -4.32 26.85 -0.76
CA ARG B 121 -5.15 27.82 -1.44
C ARG B 121 -5.23 29.12 -0.64
N VAL B 122 -5.42 30.22 -1.36
CA VAL B 122 -5.80 31.49 -0.73
C VAL B 122 -7.21 31.36 -0.18
N VAL B 123 -7.39 31.67 1.10
CA VAL B 123 -8.69 31.46 1.74
C VAL B 123 -9.79 32.22 1.00
N SER B 124 -9.54 33.48 0.66
CA SER B 124 -10.57 34.34 0.09
C SER B 124 -10.87 34.00 -1.36
N SER B 125 -9.84 33.96 -2.21
CA SER B 125 -10.04 33.74 -3.64
C SER B 125 -10.06 32.28 -4.04
N ARG B 126 -9.63 31.37 -3.18
CA ARG B 126 -9.47 29.94 -3.49
C ARG B 126 -8.37 29.67 -4.52
N LYS B 127 -7.55 30.66 -4.84
CA LYS B 127 -6.46 30.47 -5.80
C LYS B 127 -5.47 29.43 -5.28
N LEU B 128 -5.08 28.50 -6.15
CA LEU B 128 -4.08 27.50 -5.80
C LEU B 128 -2.69 28.11 -5.88
N VAL B 129 -1.97 28.14 -4.75
CA VAL B 129 -0.68 28.81 -4.69
C VAL B 129 0.44 27.90 -4.20
N GLY B 130 0.16 26.64 -3.87
CA GLY B 130 1.19 25.75 -3.40
C GLY B 130 0.78 24.32 -3.59
N PHE B 131 1.76 23.42 -3.71
CA PHE B 131 1.46 22.00 -3.89
C PHE B 131 2.68 21.16 -3.49
N ILE B 132 2.41 19.93 -3.03
CA ILE B 132 3.42 18.89 -2.90
C ILE B 132 2.68 17.56 -2.97
N SER B 133 3.36 16.51 -3.44
CA SER B 133 2.70 15.22 -3.59
C SER B 133 3.59 14.09 -3.09
N ALA B 134 2.94 13.01 -2.66
CA ALA B 134 3.59 11.74 -2.37
C ALA B 134 2.88 10.64 -3.15
N ILE B 135 3.65 9.68 -3.68
CA ILE B 135 3.07 8.45 -4.21
C ILE B 135 3.84 7.28 -3.59
N PRO B 136 3.20 6.15 -3.34
CA PRO B 136 3.92 5.05 -2.70
C PRO B 136 4.84 4.36 -3.69
N ALA B 137 5.97 3.87 -3.18
CA ALA B 137 6.84 3.10 -4.05
C ALA B 137 7.68 2.17 -3.19
N ASN B 138 7.87 0.95 -3.67
N ASN B 138 7.83 0.94 -3.65
CA ASN B 138 8.78 0.02 -3.03
CA ASN B 138 8.78 0.04 -3.02
C ASN B 138 10.17 0.25 -3.61
C ASN B 138 10.16 0.28 -3.61
N ILE B 139 11.14 0.49 -2.73
CA ILE B 139 12.47 0.92 -3.13
C ILE B 139 13.48 -0.08 -2.61
N HIS B 140 14.36 -0.53 -3.49
CA HIS B 140 15.51 -1.36 -3.11
C HIS B 140 16.72 -0.44 -2.99
N ILE B 141 17.32 -0.39 -1.82
CA ILE B 141 18.50 0.43 -1.58
C ILE B 141 19.57 -0.49 -1.00
N TYR B 142 20.64 -0.70 -1.76
CA TYR B 142 21.65 -1.71 -1.42
C TYR B 142 20.98 -3.04 -1.09
N ASP B 143 21.12 -3.53 0.14
CA ASP B 143 20.58 -4.83 0.48
C ASP B 143 19.21 -4.77 1.15
N THR B 144 18.55 -3.62 1.14
CA THR B 144 17.29 -3.43 1.85
C THR B 144 16.20 -3.09 0.86
N GLU B 145 15.02 -3.64 1.08
CA GLU B 145 13.82 -3.27 0.34
C GLU B 145 12.85 -2.65 1.34
N LYS B 146 12.46 -1.40 1.08
CA LYS B 146 11.55 -0.67 1.96
C LYS B 146 10.38 -0.11 1.18
N LYS B 147 9.19 -0.16 1.79
CA LYS B 147 8.08 0.68 1.35
C LYS B 147 8.40 2.13 1.68
N MET B 148 8.37 2.99 0.66
CA MET B 148 8.68 4.40 0.81
C MET B 148 7.59 5.20 0.11
N VAL B 149 7.77 6.52 0.09
CA VAL B 149 7.08 7.35 -0.88
C VAL B 149 8.10 8.06 -1.73
N GLU B 150 7.66 8.48 -2.92
CA GLU B 150 8.38 9.41 -3.78
C GLU B 150 7.70 10.77 -3.66
N ILE B 151 8.47 11.79 -3.33
CA ILE B 151 7.96 13.16 -3.21
C ILE B 151 8.26 13.89 -4.50
N ASN B 152 7.26 14.59 -5.04
CA ASN B 152 7.46 15.27 -6.30
C ASN B 152 6.52 16.47 -6.39
N PHE B 153 6.82 17.35 -7.35
CA PHE B 153 5.96 18.48 -7.70
C PHE B 153 5.80 19.47 -6.54
N LEU B 154 6.82 19.60 -5.71
CA LEU B 154 6.85 20.69 -4.74
C LEU B 154 6.89 22.03 -5.49
N CYS B 155 5.94 22.91 -5.18
CA CYS B 155 5.78 24.15 -5.93
C CYS B 155 5.15 25.21 -5.04
N VAL B 156 5.72 26.41 -5.06
CA VAL B 156 5.17 27.56 -4.36
C VAL B 156 5.01 28.69 -5.37
N HIS B 157 3.84 29.32 -5.40
CA HIS B 157 3.60 30.42 -6.32
C HIS B 157 4.70 31.47 -6.18
N LYS B 158 5.09 32.06 -7.32
CA LYS B 158 6.18 33.04 -7.33
C LYS B 158 5.93 34.18 -6.35
N LYS B 159 4.68 34.58 -6.17
CA LYS B 159 4.36 35.68 -5.26
C LYS B 159 4.44 35.27 -3.80
N LEU B 160 4.71 34.00 -3.53
CA LEU B 160 4.74 33.47 -2.18
C LEU B 160 6.13 32.98 -1.79
N ARG B 161 7.12 33.15 -2.66
CA ARG B 161 8.44 32.59 -2.43
C ARG B 161 9.15 33.29 -1.27
N SER B 162 10.14 32.59 -0.71
CA SER B 162 11.04 33.13 0.31
C SER B 162 10.28 33.55 1.58
N LYS B 163 9.22 32.82 1.91
CA LYS B 163 8.45 33.06 3.11
C LYS B 163 8.30 31.79 3.95
N ARG B 164 9.21 30.84 3.77
N ARG B 164 9.20 30.83 3.76
CA ARG B 164 9.24 29.59 4.55
CA ARG B 164 9.22 29.59 4.55
C ARG B 164 7.95 28.78 4.37
C ARG B 164 7.95 28.78 4.37
N VAL B 165 7.30 28.91 3.21
CA VAL B 165 6.14 28.06 2.93
C VAL B 165 6.57 26.66 2.51
N ALA B 166 7.69 26.51 1.80
CA ALA B 166 8.12 25.15 1.43
C ALA B 166 8.38 24.25 2.64
N PRO B 167 9.02 24.71 3.72
CA PRO B 167 9.19 23.82 4.88
C PRO B 167 7.88 23.36 5.45
N VAL B 168 6.85 24.21 5.44
N VAL B 168 6.83 24.17 5.42
CA VAL B 168 5.55 23.79 5.94
CA VAL B 168 5.56 23.72 5.99
C VAL B 168 4.98 22.70 5.05
C VAL B 168 4.85 22.76 5.04
N LEU B 169 5.08 22.87 3.73
CA LEU B 169 4.61 21.84 2.82
C LEU B 169 5.34 20.53 3.05
N ILE B 170 6.65 20.58 3.30
CA ILE B 170 7.41 19.34 3.50
C ILE B 170 7.01 18.66 4.80
N ARG B 171 6.88 19.44 5.89
CA ARG B 171 6.46 18.85 7.16
C ARG B 171 5.06 18.28 7.07
N GLU B 172 4.16 18.97 6.35
CA GLU B 172 2.79 18.48 6.26
C GLU B 172 2.70 17.20 5.44
N ILE B 173 3.45 17.10 4.33
CA ILE B 173 3.37 15.83 3.60
C ILE B 173 4.04 14.72 4.41
N THR B 174 5.13 15.04 5.12
CA THR B 174 5.77 14.08 6.03
C THR B 174 4.75 13.54 7.03
N ARG B 175 3.99 14.44 7.65
CA ARG B 175 2.99 14.04 8.64
C ARG B 175 1.96 13.10 8.03
N ARG B 176 1.44 13.45 6.85
CA ARG B 176 0.41 12.62 6.22
C ARG B 176 0.95 11.27 5.78
N VAL B 177 2.24 11.21 5.43
CA VAL B 177 2.87 9.94 5.09
C VAL B 177 3.11 9.11 6.36
N HIS B 178 3.61 9.74 7.42
CA HIS B 178 3.75 9.07 8.71
C HIS B 178 2.43 8.44 9.18
N LEU B 179 1.31 9.15 8.97
CA LEU B 179 0.01 8.62 9.39
C LEU B 179 -0.30 7.28 8.73
N GLU B 180 0.25 7.03 7.56
CA GLU B 180 0.03 5.76 6.87
C GLU B 180 1.10 4.73 7.18
N GLY B 181 1.98 5.01 8.15
CA GLY B 181 2.95 4.02 8.57
C GLY B 181 4.21 3.94 7.72
N ILE B 182 4.53 4.97 6.96
CA ILE B 182 5.72 4.98 6.11
C ILE B 182 6.68 6.03 6.66
N PHE B 183 7.96 5.67 6.78
CA PHE B 183 8.90 6.58 7.43
C PHE B 183 10.14 6.88 6.58
N GLN B 184 10.15 6.52 5.31
CA GLN B 184 11.24 6.84 4.41
C GLN B 184 10.68 7.40 3.11
N ALA B 185 11.47 8.23 2.45
CA ALA B 185 11.08 8.81 1.17
C ALA B 185 12.28 8.89 0.26
N VAL B 186 12.00 8.90 -1.04
CA VAL B 186 13.00 9.16 -2.06
C VAL B 186 12.51 10.34 -2.90
N TYR B 187 13.45 11.17 -3.34
CA TYR B 187 13.11 12.33 -4.15
C TYR B 187 14.38 12.76 -4.86
N THR B 188 14.19 13.53 -5.94
CA THR B 188 15.27 14.15 -6.69
C THR B 188 15.05 15.66 -6.70
N ALA B 189 16.14 16.40 -6.93
CA ALA B 189 16.04 17.85 -7.04
C ALA B 189 17.26 18.38 -7.79
N GLY B 190 17.08 19.55 -8.41
CA GLY B 190 18.18 20.26 -9.05
C GLY B 190 19.10 21.01 -8.11
N VAL B 191 18.72 21.16 -6.84
CA VAL B 191 19.52 21.89 -5.87
C VAL B 191 20.23 20.88 -4.96
N VAL B 192 21.31 21.33 -4.33
CA VAL B 192 22.04 20.52 -3.37
C VAL B 192 21.45 20.74 -1.98
N LEU B 193 21.13 19.64 -1.30
CA LEU B 193 20.57 19.62 0.03
C LEU B 193 21.30 18.54 0.81
N PRO B 194 21.20 18.55 2.14
CA PRO B 194 21.63 17.36 2.90
C PRO B 194 20.66 16.22 2.64
N LYS B 195 21.15 15.09 2.12
CA LYS B 195 22.49 14.87 1.56
C LYS B 195 22.32 13.89 0.39
N PRO B 196 22.88 14.21 -0.78
CA PRO B 196 22.60 13.37 -1.95
C PRO B 196 23.17 11.97 -1.78
N VAL B 197 22.37 10.96 -2.13
CA VAL B 197 22.88 9.60 -2.23
C VAL B 197 23.53 9.37 -3.59
N GLY B 198 23.21 10.20 -4.57
CA GLY B 198 23.82 10.10 -5.89
C GLY B 198 23.61 11.39 -6.63
N THR B 199 24.56 11.71 -7.49
CA THR B 199 24.47 12.90 -8.34
C THR B 199 24.54 12.47 -9.79
N CYS B 200 23.47 12.73 -10.54
CA CYS B 200 23.42 12.43 -11.96
C CYS B 200 23.46 13.72 -12.76
N ARG B 201 23.89 13.58 -14.01
CA ARG B 201 24.06 14.69 -14.94
C ARG B 201 23.18 14.47 -16.16
N TYR B 202 22.44 15.50 -16.55
CA TYR B 202 21.64 15.42 -17.75
C TYR B 202 22.51 15.62 -18.99
N TRP B 203 22.23 14.82 -20.02
CA TRP B 203 22.79 14.94 -21.35
C TRP B 203 21.65 15.15 -22.34
N HIS B 204 21.97 15.74 -23.48
CA HIS B 204 20.96 16.15 -24.44
C HIS B 204 21.38 15.76 -25.85
N ARG B 205 20.43 15.20 -26.60
CA ARG B 205 20.67 14.76 -27.97
C ARG B 205 19.74 15.57 -28.88
N SER B 206 20.32 16.51 -29.63
CA SER B 206 19.53 17.34 -30.52
C SER B 206 18.84 16.49 -31.58
N LEU B 207 17.55 16.74 -31.78
CA LEU B 207 16.79 16.13 -32.86
C LEU B 207 16.36 17.12 -33.91
N ASN B 208 16.03 18.35 -33.51
N ASN B 208 16.02 18.34 -33.51
CA ASN B 208 15.72 19.46 -34.40
CA ASN B 208 15.72 19.46 -34.42
C ASN B 208 16.69 20.59 -34.09
C ASN B 208 16.69 20.58 -34.10
N PRO B 209 17.96 20.45 -34.49
CA PRO B 209 18.98 21.43 -34.06
C PRO B 209 18.67 22.86 -34.48
N ARG B 210 17.99 23.06 -35.62
CA ARG B 210 17.66 24.42 -36.04
C ARG B 210 16.81 25.13 -35.00
N LYS B 211 15.70 24.50 -34.59
CA LYS B 211 14.84 25.11 -33.57
C LYS B 211 15.58 25.30 -32.26
N LEU B 212 16.39 24.32 -31.86
CA LEU B 212 17.13 24.42 -30.60
C LEU B 212 18.07 25.62 -30.60
N ILE B 213 18.71 25.90 -31.75
CA ILE B 213 19.59 27.06 -31.85
C ILE B 213 18.78 28.35 -31.87
N GLU B 214 17.68 28.36 -32.62
CA GLU B 214 16.87 29.58 -32.74
C GLU B 214 16.33 30.03 -31.39
N VAL B 215 15.98 29.09 -30.51
CA VAL B 215 15.45 29.44 -29.20
C VAL B 215 16.52 29.51 -28.12
N LYS B 216 17.79 29.32 -28.49
CA LYS B 216 18.92 29.43 -27.58
C LYS B 216 18.85 28.37 -26.47
N PHE B 217 18.22 27.24 -26.76
CA PHE B 217 18.39 26.06 -25.92
C PHE B 217 19.80 25.50 -26.07
N SER B 218 20.30 25.44 -27.31
CA SER B 218 21.67 25.08 -27.59
C SER B 218 22.28 26.18 -28.45
N HIS B 219 23.58 26.05 -28.72
CA HIS B 219 24.33 27.04 -29.49
C HIS B 219 25.24 26.32 -30.48
N LEU B 220 25.63 27.03 -31.53
CA LEU B 220 26.60 26.48 -32.48
C LEU B 220 27.95 26.29 -31.81
N SER B 221 28.48 25.08 -31.86
CA SER B 221 29.75 24.77 -31.20
C SER B 221 30.92 25.45 -31.93
N ARG B 222 32.12 25.27 -31.38
CA ARG B 222 33.29 25.98 -31.88
C ARG B 222 33.70 25.49 -33.27
N ASN B 223 33.81 26.43 -34.22
CA ASN B 223 34.19 26.14 -35.59
C ASN B 223 33.22 25.15 -36.25
N MET B 224 31.93 25.43 -36.11
CA MET B 224 30.90 24.61 -36.74
C MET B 224 29.78 25.49 -37.29
N THR B 225 29.40 25.24 -38.54
CA THR B 225 28.32 25.95 -39.19
C THR B 225 26.99 25.26 -38.92
N MET B 226 25.90 25.99 -39.19
CA MET B 226 24.57 25.39 -39.09
C MET B 226 24.45 24.19 -40.02
N GLN B 227 24.95 24.32 -41.26
CA GLN B 227 24.86 23.22 -42.22
C GLN B 227 25.57 21.97 -41.71
N ARG B 228 26.73 22.14 -41.10
CA ARG B 228 27.43 21.01 -40.49
C ARG B 228 26.64 20.42 -39.32
N THR B 229 25.99 21.28 -38.52
CA THR B 229 25.29 20.74 -37.35
C THR B 229 24.04 19.97 -37.76
N MET B 230 23.37 20.38 -38.83
CA MET B 230 22.28 19.60 -39.40
C MET B 230 22.76 18.20 -39.78
N LYS B 231 23.87 18.13 -40.53
CA LYS B 231 24.39 16.84 -40.97
C LYS B 231 24.86 15.99 -39.80
N LEU B 232 25.52 16.61 -38.83
CA LEU B 232 25.98 15.89 -37.66
C LEU B 232 24.85 15.14 -36.97
N TYR B 233 23.67 15.78 -36.86
CA TYR B 233 22.57 15.24 -36.06
C TYR B 233 21.49 14.56 -36.89
N ARG B 234 21.68 14.42 -38.19
CA ARG B 234 20.70 13.73 -39.02
C ARG B 234 20.56 12.28 -38.56
N LEU B 235 19.35 11.76 -38.65
CA LEU B 235 19.04 10.41 -38.19
C LEU B 235 18.40 9.63 -39.32
N PRO B 236 18.47 8.30 -39.27
CA PRO B 236 17.63 7.48 -40.15
C PRO B 236 16.16 7.83 -40.01
N GLU B 237 15.38 7.50 -41.04
CA GLU B 237 13.95 7.77 -41.03
C GLU B 237 13.14 6.72 -40.28
N THR B 238 13.65 5.51 -40.12
CA THR B 238 12.96 4.45 -39.41
C THR B 238 13.98 3.64 -38.61
N PRO B 239 13.54 2.98 -37.53
CA PRO B 239 14.48 2.25 -36.68
C PRO B 239 15.04 1.03 -37.39
N LYS B 240 16.10 0.47 -36.80
CA LYS B 240 16.83 -0.64 -37.41
C LYS B 240 16.55 -2.00 -36.77
N THR B 241 16.19 -2.05 -35.49
CA THR B 241 16.15 -3.32 -34.79
C THR B 241 14.98 -4.17 -35.27
N ALA B 242 15.29 -5.41 -35.63
CA ALA B 242 14.28 -6.36 -36.07
C ALA B 242 13.22 -6.57 -34.99
N GLY B 243 11.95 -6.43 -35.39
CA GLY B 243 10.87 -6.79 -34.49
C GLY B 243 10.55 -5.75 -33.45
N LEU B 244 11.01 -4.52 -33.63
CA LEU B 244 10.67 -3.43 -32.72
C LEU B 244 9.24 -2.98 -32.97
N ARG B 245 8.43 -2.88 -31.92
CA ARG B 245 7.03 -2.54 -32.04
C ARG B 245 6.56 -1.95 -30.72
N PRO B 246 5.45 -1.21 -30.71
CA PRO B 246 4.93 -0.70 -29.43
C PRO B 246 4.52 -1.82 -28.48
N MET B 247 4.71 -1.55 -27.19
CA MET B 247 4.25 -2.45 -26.14
C MET B 247 2.72 -2.59 -26.19
N GLU B 248 2.25 -3.82 -25.99
CA GLU B 248 0.84 -4.15 -25.93
C GLU B 248 0.54 -4.84 -24.61
N THR B 249 -0.76 -5.02 -24.33
CA THR B 249 -1.20 -5.64 -23.09
C THR B 249 -0.56 -7.01 -22.88
N LYS B 250 -0.44 -7.81 -23.96
CA LYS B 250 0.14 -9.14 -23.83
C LYS B 250 1.60 -9.09 -23.38
N ASP B 251 2.30 -7.96 -23.55
CA ASP B 251 3.69 -7.84 -23.15
C ASP B 251 3.89 -7.48 -21.67
N ILE B 252 2.83 -7.17 -20.93
CA ILE B 252 3.03 -6.68 -19.56
C ILE B 252 3.84 -7.65 -18.71
N PRO B 253 3.54 -8.96 -18.68
CA PRO B 253 4.35 -9.85 -17.83
C PRO B 253 5.80 -9.93 -18.24
N VAL B 254 6.11 -10.03 -19.54
CA VAL B 254 7.52 -10.15 -19.89
C VAL B 254 8.26 -8.84 -19.66
N VAL B 255 7.59 -7.69 -19.81
CA VAL B 255 8.28 -6.43 -19.53
C VAL B 255 8.59 -6.36 -18.04
N HIS B 256 7.63 -6.75 -17.20
CA HIS B 256 7.89 -6.85 -15.76
C HIS B 256 9.06 -7.80 -15.47
N GLN B 257 9.06 -8.98 -16.09
CA GLN B 257 10.15 -9.93 -15.87
C GLN B 257 11.50 -9.33 -16.28
N LEU B 258 11.58 -8.80 -17.51
CA LEU B 258 12.83 -8.20 -17.98
C LEU B 258 13.31 -7.10 -17.05
N LEU B 259 12.42 -6.19 -16.67
CA LEU B 259 12.82 -5.06 -15.84
C LEU B 259 13.34 -5.53 -14.48
N THR B 260 12.61 -6.46 -13.86
CA THR B 260 12.99 -6.93 -12.53
C THR B 260 14.40 -7.52 -12.54
N ARG B 261 14.71 -8.35 -13.54
CA ARG B 261 16.03 -8.96 -13.61
C ARG B 261 17.10 -7.94 -13.94
N TYR B 262 16.80 -7.05 -14.90
CA TYR B 262 17.79 -6.05 -15.30
C TYR B 262 18.16 -5.13 -14.15
N LEU B 263 17.20 -4.78 -13.30
CA LEU B 263 17.46 -3.78 -12.27
C LEU B 263 18.31 -4.31 -11.13
N LYS B 264 18.45 -5.63 -11.00
CA LYS B 264 19.19 -6.19 -9.87
C LYS B 264 20.63 -5.71 -9.81
N GLN B 265 21.19 -5.27 -10.94
CA GLN B 265 22.60 -4.90 -10.95
C GLN B 265 22.87 -3.51 -10.39
N PHE B 266 21.84 -2.73 -10.08
CA PHE B 266 22.04 -1.38 -9.55
C PHE B 266 21.73 -1.36 -8.06
N HIS B 267 22.08 -0.25 -7.40
CA HIS B 267 21.98 -0.15 -5.94
C HIS B 267 20.81 0.69 -5.44
N LEU B 268 20.16 1.46 -6.32
CA LEU B 268 18.95 2.19 -5.96
C LEU B 268 17.96 1.97 -7.10
N THR B 269 16.90 1.19 -6.85
CA THR B 269 15.98 0.77 -7.90
C THR B 269 14.56 0.73 -7.36
N PRO B 270 13.56 0.87 -8.23
CA PRO B 270 12.19 0.57 -7.81
C PRO B 270 11.94 -0.92 -7.83
N VAL B 271 10.97 -1.35 -7.04
CA VAL B 271 10.51 -2.74 -7.07
C VAL B 271 9.03 -2.68 -7.47
N MET B 272 8.75 -2.97 -8.73
CA MET B 272 7.41 -2.78 -9.26
C MET B 272 6.64 -4.09 -9.29
N SER B 273 5.38 -4.03 -8.86
CA SER B 273 4.45 -5.10 -9.15
C SER B 273 4.11 -5.13 -10.63
N GLN B 274 3.38 -6.16 -11.05
CA GLN B 274 2.98 -6.23 -12.45
C GLN B 274 1.98 -5.12 -12.77
N GLU B 275 1.12 -4.75 -11.81
CA GLU B 275 0.21 -3.63 -12.04
C GLU B 275 0.96 -2.31 -12.15
N GLU B 276 2.03 -2.13 -11.38
CA GLU B 276 2.83 -0.92 -11.51
C GLU B 276 3.54 -0.89 -12.87
N VAL B 277 4.00 -2.05 -13.36
CA VAL B 277 4.62 -2.09 -14.68
C VAL B 277 3.62 -1.67 -15.74
N GLU B 278 2.39 -2.16 -15.65
CA GLU B 278 1.35 -1.72 -16.58
C GLU B 278 1.20 -0.20 -16.53
N HIS B 279 1.13 0.37 -15.33
CA HIS B 279 0.92 1.81 -15.21
C HIS B 279 2.08 2.60 -15.80
N TRP B 280 3.31 2.26 -15.41
CA TRP B 280 4.44 3.09 -15.79
C TRP B 280 4.86 2.92 -17.25
N PHE B 281 4.50 1.81 -17.90
CA PHE B 281 5.05 1.52 -19.23
C PHE B 281 4.02 1.39 -20.34
N TYR B 282 2.78 1.04 -20.03
CA TYR B 282 1.81 0.85 -21.11
C TYR B 282 1.63 2.14 -21.88
N PRO B 283 1.83 2.15 -23.21
CA PRO B 283 1.93 3.42 -23.93
C PRO B 283 0.66 4.25 -23.81
N GLN B 284 0.87 5.56 -23.60
CA GLN B 284 -0.18 6.57 -23.62
C GLN B 284 0.34 7.73 -24.43
N GLU B 285 -0.37 8.11 -25.48
CA GLU B 285 0.20 9.08 -26.41
C GLU B 285 0.42 10.42 -25.72
N ASN B 286 1.59 11.01 -25.95
CA ASN B 286 2.02 12.29 -25.38
C ASN B 286 2.29 12.18 -23.88
N ILE B 287 2.44 10.96 -23.36
CA ILE B 287 2.85 10.76 -21.98
C ILE B 287 4.03 9.80 -21.90
N ILE B 288 3.81 8.56 -22.35
CA ILE B 288 4.80 7.52 -22.16
C ILE B 288 4.79 6.63 -23.40
N ASP B 289 5.99 6.35 -23.92
CA ASP B 289 6.16 5.46 -25.05
C ASP B 289 7.03 4.30 -24.61
N THR B 290 6.62 3.08 -24.98
CA THR B 290 7.41 1.90 -24.70
C THR B 290 7.38 1.02 -25.95
N PHE B 291 8.55 0.59 -26.40
CA PHE B 291 8.65 -0.28 -27.56
C PHE B 291 9.40 -1.53 -27.14
N VAL B 292 8.90 -2.69 -27.56
CA VAL B 292 9.54 -3.96 -27.22
C VAL B 292 10.18 -4.54 -28.47
N VAL B 293 11.18 -5.40 -28.27
CA VAL B 293 11.77 -6.17 -29.36
C VAL B 293 11.21 -7.59 -29.28
N GLU B 294 10.41 -7.99 -30.28
CA GLU B 294 9.90 -9.34 -30.39
C GLU B 294 10.68 -10.05 -31.50
N ASN B 295 11.39 -11.12 -31.13
CA ASN B 295 12.33 -11.71 -32.07
C ASN B 295 11.62 -12.69 -33.01
N ALA B 296 12.43 -13.45 -33.77
CA ALA B 296 11.93 -14.37 -34.78
C ALA B 296 11.19 -15.55 -34.18
N ASN B 297 11.34 -15.79 -32.88
CA ASN B 297 10.64 -16.85 -32.19
C ASN B 297 9.38 -16.35 -31.50
N GLY B 298 9.10 -15.06 -31.55
CA GLY B 298 7.96 -14.48 -30.88
C GLY B 298 8.21 -14.08 -29.43
N GLU B 299 9.45 -14.10 -28.99
N GLU B 299 9.45 -14.12 -28.96
CA GLU B 299 9.79 -13.77 -27.60
CA GLU B 299 9.71 -13.77 -27.57
C GLU B 299 10.24 -12.32 -27.51
C GLU B 299 10.25 -12.35 -27.48
N VAL B 300 9.83 -11.65 -26.43
CA VAL B 300 10.25 -10.27 -26.18
C VAL B 300 11.55 -10.30 -25.40
N THR B 301 12.59 -9.67 -25.94
CA THR B 301 13.93 -9.76 -25.38
C THR B 301 14.48 -8.42 -24.88
N ASP B 302 13.91 -7.30 -25.30
CA ASP B 302 14.42 -5.98 -24.92
C ASP B 302 13.25 -5.01 -24.91
N PHE B 303 13.42 -3.88 -24.24
CA PHE B 303 12.48 -2.79 -24.47
C PHE B 303 13.14 -1.45 -24.19
N LEU B 304 12.58 -0.41 -24.82
CA LEU B 304 12.98 0.97 -24.60
C LEU B 304 11.75 1.78 -24.21
N SER B 305 11.96 2.84 -23.43
CA SER B 305 10.83 3.69 -23.07
C SER B 305 11.33 5.10 -22.83
N PHE B 306 10.46 6.07 -23.08
CA PHE B 306 10.77 7.46 -22.82
C PHE B 306 9.47 8.20 -22.59
N TYR B 307 9.50 9.22 -21.73
CA TYR B 307 8.28 9.98 -21.47
C TYR B 307 8.36 11.37 -22.09
N THR B 308 7.17 11.93 -22.29
CA THR B 308 6.97 13.21 -22.95
C THR B 308 6.88 14.33 -21.92
N LEU B 309 7.75 15.34 -22.04
CA LEU B 309 7.71 16.48 -21.13
C LEU B 309 8.13 17.73 -21.90
N PRO B 310 7.18 18.48 -22.43
CA PRO B 310 7.51 19.74 -23.10
C PRO B 310 7.83 20.83 -22.09
N SER B 311 8.39 21.93 -22.60
CA SER B 311 8.69 23.09 -21.79
C SER B 311 8.20 24.35 -22.49
N THR B 312 7.84 25.34 -21.67
CA THR B 312 7.47 26.65 -22.18
C THR B 312 8.73 27.46 -22.49
N ILE B 313 8.76 28.12 -23.64
CA ILE B 313 9.84 29.04 -24.00
C ILE B 313 9.38 30.44 -23.62
N MET B 314 9.95 31.00 -22.58
CA MET B 314 9.41 32.24 -22.03
C MET B 314 9.91 33.44 -22.83
N ASN B 315 9.01 34.42 -23.01
CA ASN B 315 9.34 35.70 -23.65
C ASN B 315 9.78 35.53 -25.11
N HIS B 316 9.26 34.53 -25.82
CA HIS B 316 9.67 34.42 -27.21
C HIS B 316 8.50 34.68 -28.14
N PRO B 317 8.68 35.56 -29.13
CA PRO B 317 7.55 35.94 -30.01
C PRO B 317 7.03 34.81 -30.88
N THR B 318 7.89 33.92 -31.36
CA THR B 318 7.47 32.95 -32.37
C THR B 318 7.40 31.53 -31.82
N HIS B 319 8.47 31.04 -31.20
CA HIS B 319 8.50 29.68 -30.66
C HIS B 319 8.05 29.70 -29.21
N LYS B 320 6.96 28.99 -28.92
CA LYS B 320 6.35 29.02 -27.60
C LYS B 320 6.67 27.78 -26.76
N SER B 321 7.14 26.69 -27.38
CA SER B 321 7.27 25.44 -26.66
C SER B 321 8.38 24.59 -27.25
N LEU B 322 9.02 23.82 -26.38
CA LEU B 322 10.08 22.88 -26.73
C LEU B 322 9.60 21.48 -26.35
N LYS B 323 9.54 20.57 -27.32
N LYS B 323 9.54 20.57 -27.32
CA LYS B 323 9.06 19.21 -27.07
CA LYS B 323 9.06 19.21 -27.06
C LYS B 323 10.26 18.31 -26.76
C LYS B 323 10.25 18.31 -26.77
N ALA B 324 10.32 17.79 -25.54
CA ALA B 324 11.44 16.99 -25.09
C ALA B 324 10.99 15.56 -24.76
N ALA B 325 11.83 14.60 -25.10
CA ALA B 325 11.64 13.21 -24.68
C ALA B 325 12.68 12.89 -23.63
N TYR B 326 12.26 12.22 -22.56
CA TYR B 326 13.14 11.85 -21.46
C TYR B 326 13.29 10.33 -21.41
N SER B 327 14.53 9.87 -21.50
CA SER B 327 14.82 8.45 -21.34
C SER B 327 14.26 7.93 -20.01
N PHE B 328 13.60 6.77 -20.08
CA PHE B 328 12.93 6.23 -18.90
C PHE B 328 13.68 4.99 -18.48
N TYR B 329 13.19 3.78 -18.75
CA TYR B 329 13.92 2.55 -18.47
C TYR B 329 14.15 1.80 -19.77
N ASN B 330 15.39 1.37 -19.99
CA ASN B 330 15.78 0.67 -21.20
C ASN B 330 16.45 -0.63 -20.80
N VAL B 331 15.90 -1.74 -21.26
CA VAL B 331 16.37 -3.06 -20.85
C VAL B 331 16.82 -3.81 -22.09
N HIS B 332 18.07 -4.27 -22.07
CA HIS B 332 18.62 -5.05 -23.16
C HIS B 332 19.05 -6.42 -22.64
N THR B 333 18.69 -7.48 -23.37
CA THR B 333 19.23 -8.81 -23.14
C THR B 333 19.75 -9.47 -24.41
N GLN B 334 19.29 -9.07 -25.59
CA GLN B 334 19.74 -9.67 -26.84
C GLN B 334 20.16 -8.60 -27.84
N THR B 335 19.55 -7.43 -27.77
CA THR B 335 19.86 -6.29 -28.61
C THR B 335 20.87 -5.40 -27.91
N PRO B 336 21.93 -4.94 -28.58
CA PRO B 336 22.89 -4.04 -27.93
C PRO B 336 22.19 -2.75 -27.50
N LEU B 337 22.59 -2.26 -26.32
CA LEU B 337 22.01 -1.03 -25.80
C LEU B 337 22.22 0.13 -26.76
N LEU B 338 23.38 0.17 -27.43
CA LEU B 338 23.65 1.25 -28.37
C LEU B 338 22.62 1.28 -29.49
N ASP B 339 22.27 0.10 -30.03
CA ASP B 339 21.27 0.01 -31.08
C ASP B 339 19.88 0.35 -30.55
N LEU B 340 19.54 -0.15 -29.38
CA LEU B 340 18.26 0.18 -28.75
C LEU B 340 18.11 1.68 -28.65
N MET B 341 19.14 2.37 -28.16
CA MET B 341 19.00 3.80 -27.94
C MET B 341 19.03 4.55 -29.27
N SER B 342 19.73 4.03 -30.28
N SER B 342 19.74 4.03 -30.26
CA SER B 342 19.64 4.64 -31.59
CA SER B 342 19.67 4.60 -31.61
C SER B 342 18.21 4.61 -32.10
C SER B 342 18.23 4.60 -32.10
N ASP B 343 17.52 3.49 -31.90
CA ASP B 343 16.12 3.41 -32.31
C ASP B 343 15.24 4.32 -31.47
N ALA B 344 15.57 4.50 -30.18
CA ALA B 344 14.84 5.48 -29.38
C ALA B 344 14.93 6.88 -30.00
N LEU B 345 16.12 7.27 -30.45
CA LEU B 345 16.29 8.60 -31.04
C LEU B 345 15.46 8.73 -32.31
N VAL B 346 15.55 7.72 -33.18
CA VAL B 346 14.78 7.74 -34.42
C VAL B 346 13.28 7.83 -34.12
N LEU B 347 12.81 7.03 -33.17
CA LEU B 347 11.39 7.06 -32.83
C LEU B 347 11.00 8.43 -32.28
N ALA B 348 11.85 9.00 -31.42
CA ALA B 348 11.56 10.34 -30.90
C ALA B 348 11.52 11.37 -32.03
N LYS B 349 12.47 11.31 -32.95
CA LYS B 349 12.44 12.23 -34.08
C LYS B 349 11.15 12.06 -34.87
N MET B 350 10.75 10.82 -35.14
CA MET B 350 9.51 10.55 -35.88
C MET B 350 8.29 11.12 -35.21
N LYS B 351 8.26 11.14 -33.88
CA LYS B 351 7.10 11.61 -33.14
C LYS B 351 7.12 13.12 -32.90
N GLY B 352 8.05 13.84 -33.51
CA GLY B 352 8.03 15.28 -33.44
C GLY B 352 8.77 15.92 -32.27
N PHE B 353 9.63 15.17 -31.57
CA PHE B 353 10.37 15.74 -30.46
C PHE B 353 11.53 16.60 -30.95
N ASP B 354 11.86 17.64 -30.17
CA ASP B 354 12.94 18.54 -30.55
C ASP B 354 14.29 18.10 -29.99
N VAL B 355 14.27 17.40 -28.85
CA VAL B 355 15.49 17.01 -28.16
C VAL B 355 15.18 15.74 -27.39
N PHE B 356 16.20 14.91 -27.18
CA PHE B 356 16.09 13.68 -26.41
C PHE B 356 17.03 13.79 -25.23
N ASN B 357 16.49 13.75 -24.02
CA ASN B 357 17.29 13.91 -22.82
C ASN B 357 17.50 12.57 -22.12
N ALA B 358 18.65 12.45 -21.47
CA ALA B 358 18.95 11.23 -20.73
C ALA B 358 19.96 11.55 -19.65
N LEU B 359 19.84 10.86 -18.53
CA LEU B 359 20.79 11.00 -17.42
C LEU B 359 21.96 10.04 -17.63
N ASP B 360 23.03 10.25 -16.86
CA ASP B 360 24.19 9.38 -16.94
C ASP B 360 24.13 8.22 -15.94
N LEU B 361 22.93 7.83 -15.52
CA LEU B 361 22.77 6.71 -14.59
C LEU B 361 22.69 5.39 -15.36
N MET B 362 22.51 4.30 -14.61
CA MET B 362 22.50 2.95 -15.16
C MET B 362 23.67 2.81 -16.13
N GLU B 363 23.47 2.19 -17.30
CA GLU B 363 24.56 2.02 -18.25
C GLU B 363 24.58 3.12 -19.32
N ASN B 364 23.99 4.28 -19.03
CA ASN B 364 23.79 5.26 -20.07
C ASN B 364 25.10 5.85 -20.58
N LYS B 365 26.14 5.90 -19.73
CA LYS B 365 27.40 6.45 -20.19
C LYS B 365 28.02 5.63 -21.33
N THR B 366 27.63 4.36 -21.46
CA THR B 366 28.18 3.55 -22.55
C THR B 366 27.70 4.02 -23.93
N PHE B 367 26.62 4.80 -24.01
CA PHE B 367 26.14 5.24 -25.31
C PHE B 367 26.05 6.74 -25.50
N LEU B 368 26.12 7.54 -24.42
CA LEU B 368 25.85 8.97 -24.53
C LEU B 368 26.76 9.63 -25.56
N GLU B 369 28.07 9.44 -25.45
CA GLU B 369 28.96 10.13 -26.37
C GLU B 369 28.86 9.56 -27.79
N LYS B 370 28.85 8.23 -27.92
CA LYS B 370 28.77 7.62 -29.24
C LYS B 370 27.52 8.03 -30.01
N LEU B 371 26.41 8.29 -29.30
CA LEU B 371 25.17 8.68 -29.97
C LEU B 371 25.02 10.19 -30.09
N LYS B 372 26.08 10.95 -29.82
CA LYS B 372 26.14 12.39 -30.05
C LYS B 372 25.29 13.18 -29.05
N PHE B 373 25.14 12.67 -27.83
CA PHE B 373 24.62 13.50 -26.75
C PHE B 373 25.69 14.51 -26.32
N GLY B 374 25.25 15.70 -25.93
CA GLY B 374 26.12 16.69 -25.32
C GLY B 374 25.79 16.85 -23.85
N ILE B 375 26.82 17.07 -23.03
CA ILE B 375 26.62 17.18 -21.59
C ILE B 375 25.84 18.45 -21.27
N GLY B 376 24.93 18.36 -20.28
CA GLY B 376 24.10 19.49 -19.91
C GLY B 376 24.71 20.29 -18.75
N ASP B 377 24.06 21.42 -18.46
CA ASP B 377 24.47 22.26 -17.35
C ASP B 377 23.73 21.94 -16.07
N GLY B 378 22.85 20.95 -16.09
CA GLY B 378 22.03 20.65 -14.94
C GLY B 378 22.29 19.28 -14.34
N ASN B 379 22.58 19.25 -13.05
CA ASN B 379 22.64 17.99 -12.32
C ASN B 379 21.25 17.65 -11.79
N LEU B 380 21.06 16.36 -11.52
CA LEU B 380 19.89 15.87 -10.80
C LEU B 380 20.40 15.10 -9.59
N GLN B 381 20.18 15.64 -8.39
CA GLN B 381 20.54 14.97 -7.15
C GLN B 381 19.45 13.99 -6.73
N TYR B 382 19.88 12.84 -6.21
CA TYR B 382 18.98 11.85 -5.62
C TYR B 382 19.15 11.85 -4.11
N TYR B 383 18.03 11.79 -3.40
CA TYR B 383 18.03 11.87 -1.94
C TYR B 383 17.14 10.78 -1.36
N LEU B 384 17.49 10.33 -0.16
CA LEU B 384 16.62 9.52 0.67
C LEU B 384 16.35 10.28 1.97
N TYR B 385 15.13 10.17 2.47
CA TYR B 385 14.75 10.80 3.74
C TYR B 385 14.69 9.72 4.81
N ASN B 386 15.32 10.01 5.95
CA ASN B 386 15.38 9.08 7.08
C ASN B 386 16.01 7.75 6.69
N TRP B 387 17.02 7.78 5.83
CA TRP B 387 17.80 6.58 5.55
C TRP B 387 19.27 6.93 5.38
N LYS B 388 20.13 6.29 6.16
CA LYS B 388 21.58 6.46 6.08
C LYS B 388 22.17 5.32 5.26
N CYS B 389 22.97 5.66 4.25
CA CYS B 389 23.72 4.67 3.49
C CYS B 389 24.83 5.38 2.73
N PRO B 390 25.86 4.66 2.30
CA PRO B 390 26.91 5.29 1.48
C PRO B 390 26.36 5.79 0.15
N SER B 391 26.91 6.93 -0.30
CA SER B 391 26.56 7.42 -1.63
C SER B 391 27.10 6.48 -2.70
N MET B 392 26.63 6.68 -3.93
CA MET B 392 26.95 5.78 -5.03
C MET B 392 27.16 6.61 -6.28
N GLY B 393 27.95 6.07 -7.21
CA GLY B 393 28.11 6.73 -8.49
C GLY B 393 26.87 6.62 -9.34
N ALA B 394 26.76 7.54 -10.30
CA ALA B 394 25.57 7.60 -11.15
C ALA B 394 25.25 6.24 -11.79
N GLU B 395 26.29 5.54 -12.26
CA GLU B 395 26.10 4.27 -12.94
C GLU B 395 25.46 3.20 -12.06
N LYS B 396 25.38 3.42 -10.75
CA LYS B 396 24.68 2.50 -9.87
C LYS B 396 23.27 2.97 -9.48
N VAL B 397 22.89 4.19 -9.87
CA VAL B 397 21.51 4.65 -9.69
C VAL B 397 20.66 4.02 -10.79
N GLY B 398 19.60 3.30 -10.38
CA GLY B 398 18.75 2.60 -11.32
C GLY B 398 17.30 2.99 -11.15
N LEU B 399 17.07 4.30 -10.95
CA LEU B 399 15.75 4.81 -10.62
C LEU B 399 15.53 6.10 -11.38
N VAL B 400 14.44 6.19 -12.13
CA VAL B 400 14.10 7.39 -12.89
C VAL B 400 12.73 7.85 -12.41
N LEU B 401 12.64 9.11 -11.95
CA LEU B 401 11.40 9.74 -11.52
C LEU B 401 10.90 10.70 -12.60
N GLN B 402 9.77 11.36 -12.35
CA GLN B 402 9.21 12.28 -13.35
C GLN B 402 9.53 13.75 -13.05
N SER C 3 15.00 18.57 -12.79
CA SER C 3 15.78 19.80 -12.99
C SER C 3 15.86 20.11 -14.48
N PHE C 4 15.80 21.39 -14.83
CA PHE C 4 15.82 21.77 -16.23
C PHE C 4 17.27 22.02 -16.65
N SER C 5 17.77 21.15 -17.52
CA SER C 5 19.13 21.24 -18.02
C SER C 5 19.10 21.64 -19.50
N LYS C 6 20.20 22.23 -19.94
CA LYS C 6 20.40 22.50 -21.36
C LYS C 6 21.88 22.33 -21.65
N PRO C 7 22.24 22.13 -22.92
CA PRO C 7 23.64 21.80 -23.25
C PRO C 7 24.62 22.84 -22.72
N ARG C 8 25.66 22.36 -22.03
CA ARG C 8 26.74 23.23 -21.57
C ARG C 8 27.54 23.71 -22.78
N SER D 3 -14.85 -18.98 13.00
CA SER D 3 -15.45 -20.25 13.41
C SER D 3 -16.62 -19.95 14.33
N PHE D 4 -17.74 -20.66 14.20
CA PHE D 4 -18.87 -20.44 15.09
C PHE D 4 -18.81 -21.48 16.21
N SER D 5 -18.52 -21.02 17.42
CA SER D 5 -18.40 -21.90 18.58
C SER D 5 -19.56 -21.67 19.54
N LYS D 6 -19.87 -22.69 20.34
CA LYS D 6 -20.82 -22.54 21.43
C LYS D 6 -20.34 -23.42 22.57
N PRO D 7 -20.85 -23.19 23.80
CA PRO D 7 -20.32 -23.93 24.95
C PRO D 7 -20.43 -25.43 24.76
N ARG D 8 -19.36 -26.13 25.12
CA ARG D 8 -19.38 -27.59 25.20
C ARG D 8 -20.53 -28.07 26.10
#